data_7ENP
#
_entry.id   7ENP
#
_cell.length_a   1.00
_cell.length_b   1.00
_cell.length_c   1.00
_cell.angle_alpha   90.00
_cell.angle_beta   90.00
_cell.angle_gamma   90.00
#
_symmetry.space_group_name_H-M   'P 1'
#
loop_
_entity.id
_entity.type
_entity.pdbx_description
1 polymer 'VP1 of O type FMDV capsid protein'
2 polymer 'VP2 of O type FMDV capsid protein'
3 polymer 'VP3 of O type FMDV capsid protein'
4 polymer 'VP4 of O type FMDV capsid'
#
loop_
_entity_poly.entity_id
_entity_poly.type
_entity_poly.pdbx_seq_one_letter_code
_entity_poly.pdbx_strand_id
1 'polypeptide(L)'
;TTSTGESADPVTATVENYGGETQVQRRHHTDVSFILDRFVKVTPKDSINVLDLMQTPSHTLVGALLRTATYYFADLEVAV
KHKGDLTWVPNGAPVAALDNTTNPTAYHKAPLTRLALPYTAPHRVLATVYNGKCKYAEGSLPNVRGDLQVLAQKAARPLP
TSFNYGAIKATRVTELLYRMKRAETYCPRPLLAVHPSAARHKQKIVAPVKQ
;
1
2 'polypeptide(L)'
;DKKTEETTLLEDRILTTRNGHTTSTTQSSVGITHGYATAEDFVNGPNTSGLETRVVQAERFFKTHLFDWVTSDPFGRYYL
LELPTDHKGVYGSLTDSYAYMRNGWDVEVTAVGNQFNGGCLLVAMVPELCSIEQRELFQLTLFPHQFINPRTNMTAHIKV
PFVGVNRYDQYKVHKPWTLVVMVVAPLTVNTEGAPQIKVYANIAPTNVHVAGEFPSKE
;
2
3 'polypeptide(L)'
;GIFPVACSDGYGGLVTTDPKTADPVYGKVFNPPRNMLPGRFTNLLDVAEACPTFLHFDGDVPYVTTKTDSDRVLAQFDLS
LAAKHMSNTFLAGLAQYYTQYSGTVNLHFMFTGPTDAKARYMIAYAPPGMEPPKTPEAAAHCIHAEWDTGLNSKFTFSIP
YLSAADYAYTASDAAETTNVQGWVCLFQITHGKAEGDALVVLASAGKDFELRLPVDARQQ
;
3
4 'polypeptide(L)'
;GAGQSSPATGSQNQSGNTGSIINNYYMQQYQNSMDTQLGNNAISGGSNEGSTDTTSTHTTNTQNNDWFSKLASSAFSGLF
GALLA
;
4
#
# COMPACT_ATOMS: atom_id res chain seq x y z
N THR A 1 -20.17 36.75 -10.54
CA THR A 1 -19.64 36.21 -9.30
C THR A 1 -18.12 36.29 -9.28
N THR A 2 -17.60 37.26 -8.53
CA THR A 2 -16.18 37.47 -8.41
C THR A 2 -15.67 36.91 -7.08
N SER A 3 -14.45 36.40 -7.11
CA SER A 3 -13.80 35.92 -5.90
C SER A 3 -12.30 35.92 -6.16
N THR A 4 -11.54 35.46 -5.18
CA THR A 4 -10.09 35.37 -5.31
C THR A 4 -9.76 34.00 -5.88
N GLY A 5 -9.21 33.99 -7.10
CA GLY A 5 -8.91 32.72 -7.74
C GLY A 5 -7.80 31.95 -7.05
N GLU A 6 -6.86 32.65 -6.43
CA GLU A 6 -5.72 32.00 -5.81
C GLU A 6 -6.11 31.15 -4.62
N SER A 7 -7.37 31.24 -4.18
CA SER A 7 -7.77 30.53 -2.96
C SER A 7 -7.81 29.03 -3.18
N ALA A 8 -8.12 28.60 -4.40
CA ALA A 8 -8.35 27.22 -4.78
C ALA A 8 -9.61 26.66 -4.14
N ASP A 9 -10.31 27.40 -3.29
CA ASP A 9 -11.59 26.95 -2.79
C ASP A 9 -12.58 26.86 -3.96
N PRO A 10 -13.36 25.80 -4.05
CA PRO A 10 -14.27 25.66 -5.19
C PRO A 10 -15.35 26.72 -5.15
N VAL A 11 -15.57 27.37 -6.29
CA VAL A 11 -16.61 28.36 -6.45
C VAL A 11 -17.44 28.00 -7.66
N THR A 12 -18.71 27.67 -7.43
CA THR A 12 -19.63 27.30 -8.50
C THR A 12 -20.71 28.37 -8.61
N ALA A 13 -20.64 29.18 -9.66
CA ALA A 13 -21.71 30.11 -9.94
C ALA A 13 -22.85 29.38 -10.64
N THR A 14 -24.04 29.96 -10.53
CA THR A 14 -25.25 29.31 -11.02
C THR A 14 -25.97 30.26 -11.96
N VAL A 15 -26.94 29.71 -12.70
CA VAL A 15 -27.70 30.50 -13.65
C VAL A 15 -28.59 31.54 -12.99
N GLU A 16 -28.88 31.38 -11.69
CA GLU A 16 -29.76 32.36 -11.05
C GLU A 16 -29.16 33.76 -11.04
N ASN A 17 -27.87 33.89 -11.34
CA ASN A 17 -27.27 35.21 -11.36
C ASN A 17 -27.97 36.12 -12.34
N TYR A 18 -28.05 35.72 -13.60
CA TYR A 18 -28.72 36.52 -14.62
C TYR A 18 -30.18 36.11 -14.78
N GLY A 19 -30.69 35.31 -13.86
CA GLY A 19 -32.11 35.07 -13.80
C GLY A 19 -32.60 33.72 -14.25
N GLY A 20 -31.70 32.77 -14.48
CA GLY A 20 -32.08 31.41 -14.77
C GLY A 20 -32.56 30.68 -13.53
N GLU A 21 -32.79 29.38 -13.71
CA GLU A 21 -33.15 28.50 -12.61
C GLU A 21 -32.45 27.17 -12.79
N THR A 22 -31.74 26.73 -11.75
CA THR A 22 -31.01 25.48 -11.82
C THR A 22 -31.97 24.31 -11.89
N GLN A 23 -31.64 23.31 -12.70
CA GLN A 23 -32.50 22.15 -12.89
C GLN A 23 -32.07 20.99 -11.99
N VAL A 24 -32.70 19.84 -12.20
CA VAL A 24 -32.45 18.66 -11.40
C VAL A 24 -31.43 17.76 -12.09
N GLN A 25 -30.56 17.14 -11.30
CA GLN A 25 -29.50 16.30 -11.84
C GLN A 25 -29.71 14.86 -11.39
N ARG A 26 -29.38 13.92 -12.28
CA ARG A 26 -29.31 12.51 -11.95
C ARG A 26 -27.98 11.97 -12.44
N ARG A 27 -27.10 11.65 -11.50
CA ARG A 27 -25.71 11.36 -11.79
C ARG A 27 -25.37 9.88 -11.79
N HIS A 28 -26.37 9.00 -11.71
CA HIS A 28 -26.13 7.57 -11.55
C HIS A 28 -25.04 7.07 -12.49
N HIS A 29 -25.07 7.50 -13.75
CA HIS A 29 -24.16 6.94 -14.73
C HIS A 29 -22.70 7.31 -14.51
N THR A 30 -22.41 8.33 -13.71
CA THR A 30 -21.03 8.67 -13.40
C THR A 30 -20.57 8.08 -12.07
N ASP A 31 -21.42 7.33 -11.38
CA ASP A 31 -21.01 6.73 -10.12
C ASP A 31 -19.84 5.79 -10.34
N VAL A 32 -18.85 5.85 -9.45
CA VAL A 32 -17.62 5.08 -9.65
C VAL A 32 -17.93 3.59 -9.69
N SER A 33 -18.63 3.09 -8.68
CA SER A 33 -18.92 1.67 -8.63
C SER A 33 -19.78 1.24 -9.81
N PHE A 34 -20.65 2.12 -10.29
CA PHE A 34 -21.51 1.76 -11.40
C PHE A 34 -20.75 1.73 -12.71
N ILE A 35 -19.95 2.76 -12.96
CA ILE A 35 -19.35 2.91 -14.28
C ILE A 35 -18.24 1.90 -14.50
N LEU A 36 -17.57 1.47 -13.43
CA LEU A 36 -16.44 0.58 -13.59
C LEU A 36 -16.84 -0.89 -13.54
N ASP A 37 -18.13 -1.20 -13.41
CA ASP A 37 -18.53 -2.60 -13.29
C ASP A 37 -19.05 -3.10 -14.64
N ARG A 38 -18.20 -3.85 -15.31
CA ARG A 38 -18.42 -4.35 -16.65
C ARG A 38 -17.14 -5.00 -17.15
N PHE A 39 -17.25 -5.77 -18.24
CA PHE A 39 -16.10 -6.48 -18.74
C PHE A 39 -15.32 -5.64 -19.74
N VAL A 40 -14.00 -5.79 -19.69
CA VAL A 40 -13.09 -5.11 -20.60
C VAL A 40 -12.09 -6.13 -21.10
N LYS A 41 -11.74 -6.05 -22.38
CA LYS A 41 -10.90 -7.09 -22.98
C LYS A 41 -9.42 -6.82 -22.71
N VAL A 42 -8.69 -7.91 -22.50
CA VAL A 42 -7.24 -7.87 -22.34
C VAL A 42 -6.62 -8.91 -23.25
N THR A 43 -5.61 -8.51 -24.00
CA THR A 43 -4.94 -9.45 -24.90
C THR A 43 -4.21 -10.49 -24.06
N PRO A 44 -4.59 -11.75 -24.13
CA PRO A 44 -4.00 -12.77 -23.26
C PRO A 44 -2.62 -13.20 -23.73
N LYS A 45 -2.01 -14.06 -22.93
CA LYS A 45 -0.82 -14.79 -23.31
C LYS A 45 -1.12 -16.27 -23.27
N ASP A 46 -0.41 -17.02 -24.11
CA ASP A 46 -0.84 -18.37 -24.45
C ASP A 46 -1.18 -19.20 -23.22
N SER A 47 -0.27 -19.26 -22.25
CA SER A 47 -0.47 -20.12 -21.09
C SER A 47 -0.66 -19.32 -19.82
N ILE A 48 0.38 -18.74 -19.25
CA ILE A 48 0.27 -18.10 -17.94
C ILE A 48 -0.07 -16.63 -18.13
N ASN A 49 -1.13 -16.18 -17.46
CA ASN A 49 -1.53 -14.78 -17.48
C ASN A 49 -1.69 -14.31 -16.05
N VAL A 50 -0.84 -13.38 -15.65
CA VAL A 50 -0.98 -12.75 -14.33
C VAL A 50 -2.15 -11.80 -14.36
N LEU A 51 -3.04 -11.92 -13.38
CA LEU A 51 -4.22 -11.06 -13.36
C LEU A 51 -3.77 -9.70 -12.86
N ASP A 52 -3.88 -8.69 -13.71
CA ASP A 52 -3.43 -7.35 -13.36
C ASP A 52 -4.36 -6.36 -14.04
N LEU A 53 -4.83 -5.37 -13.30
CA LEU A 53 -5.74 -4.40 -13.90
C LEU A 53 -5.02 -3.41 -14.78
N MET A 54 -3.71 -3.31 -14.67
CA MET A 54 -3.03 -2.35 -15.52
C MET A 54 -2.81 -2.90 -16.93
N GLN A 55 -3.10 -4.17 -17.19
CA GLN A 55 -2.97 -4.69 -18.54
C GLN A 55 -4.07 -4.20 -19.46
N THR A 56 -5.17 -3.71 -18.91
CA THR A 56 -6.23 -3.17 -19.74
C THR A 56 -5.69 -1.98 -20.53
N PRO A 57 -6.08 -1.83 -21.79
CA PRO A 57 -5.62 -0.68 -22.58
C PRO A 57 -6.02 0.62 -21.93
N SER A 58 -5.17 1.64 -22.08
CA SER A 58 -5.42 2.90 -21.42
C SER A 58 -6.55 3.69 -22.06
N HIS A 59 -6.87 3.42 -23.32
CA HIS A 59 -7.92 4.17 -23.99
C HIS A 59 -9.31 3.57 -23.81
N THR A 60 -9.41 2.33 -23.34
CA THR A 60 -10.71 1.73 -23.10
C THR A 60 -11.42 2.45 -21.95
N LEU A 61 -12.74 2.31 -21.93
CA LEU A 61 -13.53 3.02 -20.91
C LEU A 61 -13.16 2.54 -19.51
N VAL A 62 -12.93 1.24 -19.35
CA VAL A 62 -12.57 0.75 -18.03
C VAL A 62 -11.11 1.03 -17.76
N GLY A 63 -10.27 0.96 -18.79
CA GLY A 63 -8.86 1.24 -18.59
C GLY A 63 -8.60 2.69 -18.22
N ALA A 64 -9.18 3.61 -18.97
CA ALA A 64 -8.93 5.02 -18.71
C ALA A 64 -9.46 5.43 -17.35
N LEU A 65 -10.73 5.16 -17.08
CA LEU A 65 -11.33 5.58 -15.82
C LEU A 65 -10.61 4.94 -14.63
N LEU A 66 -10.04 3.76 -14.80
CA LEU A 66 -9.21 3.21 -13.75
C LEU A 66 -8.01 4.09 -13.48
N ARG A 67 -7.27 4.43 -14.52
CA ARG A 67 -5.99 5.09 -14.34
C ARG A 67 -6.09 6.51 -13.82
N THR A 68 -7.29 7.04 -13.66
CA THR A 68 -7.46 8.39 -13.15
C THR A 68 -7.43 8.46 -11.63
N ALA A 69 -7.21 7.35 -10.93
CA ALA A 69 -7.14 7.34 -9.49
C ALA A 69 -5.83 6.71 -9.07
N THR A 70 -5.10 7.36 -8.16
CA THR A 70 -3.84 6.79 -7.73
C THR A 70 -4.06 5.49 -6.98
N TYR A 71 -5.09 5.42 -6.15
CA TYR A 71 -5.26 4.32 -5.22
C TYR A 71 -6.66 3.71 -5.38
N TYR A 72 -6.70 2.45 -5.78
CA TYR A 72 -7.97 1.81 -6.11
C TYR A 72 -8.08 0.47 -5.40
N PHE A 73 -9.32 0.11 -5.09
CA PHE A 73 -9.65 -1.17 -4.50
C PHE A 73 -10.88 -1.74 -5.18
N ALA A 74 -10.88 -3.06 -5.36
CA ALA A 74 -12.05 -3.75 -5.89
C ALA A 74 -11.83 -5.26 -5.95
N ASP A 75 -12.92 -6.01 -5.97
CA ASP A 75 -12.83 -7.43 -6.28
C ASP A 75 -12.67 -7.60 -7.78
N LEU A 76 -12.74 -8.84 -8.23
CA LEU A 76 -12.48 -9.10 -9.63
C LEU A 76 -13.39 -10.22 -10.10
N GLU A 77 -13.97 -10.05 -11.28
CA GLU A 77 -14.60 -11.15 -12.00
C GLU A 77 -13.91 -11.32 -13.33
N VAL A 78 -13.61 -12.56 -13.67
CA VAL A 78 -12.95 -12.88 -14.92
C VAL A 78 -13.87 -13.72 -15.78
N ALA A 79 -13.74 -13.55 -17.09
CA ALA A 79 -14.43 -14.38 -18.06
C ALA A 79 -13.41 -14.84 -19.08
N VAL A 80 -13.19 -16.15 -19.15
CA VAL A 80 -12.08 -16.71 -19.89
C VAL A 80 -12.60 -17.73 -20.88
N LYS A 81 -12.05 -17.73 -22.09
CA LYS A 81 -12.29 -18.76 -23.08
C LYS A 81 -10.98 -19.48 -23.34
N HIS A 82 -10.95 -20.77 -23.04
CA HIS A 82 -9.67 -21.47 -22.92
C HIS A 82 -9.85 -22.92 -23.36
N LYS A 83 -8.72 -23.58 -23.57
CA LYS A 83 -8.68 -25.02 -23.76
C LYS A 83 -8.09 -25.68 -22.51
N GLY A 84 -8.57 -26.87 -22.22
CA GLY A 84 -8.06 -27.55 -21.06
C GLY A 84 -8.69 -27.05 -19.78
N ASP A 85 -7.91 -27.10 -18.71
CA ASP A 85 -8.40 -26.79 -17.38
C ASP A 85 -7.77 -25.50 -16.86
N LEU A 86 -8.62 -24.52 -16.59
CA LEU A 86 -8.17 -23.22 -16.13
C LEU A 86 -7.86 -23.30 -14.64
N THR A 87 -6.62 -23.00 -14.28
CA THR A 87 -6.15 -23.11 -12.91
C THR A 87 -5.80 -21.72 -12.39
N TRP A 88 -6.34 -21.36 -11.23
CA TRP A 88 -6.11 -20.06 -10.64
C TRP A 88 -5.26 -20.20 -9.38
N VAL A 89 -4.53 -19.14 -9.09
CA VAL A 89 -3.58 -19.14 -7.97
C VAL A 89 -3.68 -17.82 -7.23
N PRO A 90 -3.65 -17.81 -5.91
CA PRO A 90 -3.76 -16.56 -5.17
C PRO A 90 -2.47 -15.75 -5.26
N ASN A 91 -2.58 -14.50 -4.83
CA ASN A 91 -1.44 -13.58 -4.89
C ASN A 91 -0.24 -14.15 -4.15
N GLY A 92 0.95 -13.83 -4.65
CA GLY A 92 2.17 -14.18 -3.99
C GLY A 92 2.46 -15.66 -3.89
N ALA A 93 1.76 -16.49 -4.62
CA ALA A 93 2.09 -17.90 -4.58
C ALA A 93 3.07 -18.24 -5.69
N PRO A 94 3.90 -19.25 -5.49
CA PRO A 94 4.93 -19.57 -6.49
C PRO A 94 4.32 -19.94 -7.82
N VAL A 95 5.08 -19.69 -8.89
CA VAL A 95 4.64 -20.04 -10.23
C VAL A 95 4.49 -21.55 -10.37
N ALA A 96 5.29 -22.32 -9.63
CA ALA A 96 5.21 -23.77 -9.71
C ALA A 96 3.87 -24.29 -9.21
N ALA A 97 3.05 -23.42 -8.62
CA ALA A 97 1.78 -23.87 -8.07
C ALA A 97 0.70 -24.04 -9.13
N LEU A 98 0.84 -23.37 -10.28
CA LEU A 98 -0.24 -23.36 -11.25
C LEU A 98 -0.47 -24.73 -11.86
N ASP A 99 0.40 -25.68 -11.60
CA ASP A 99 0.29 -27.01 -12.17
C ASP A 99 -0.46 -27.99 -11.28
N ASN A 100 -1.02 -27.52 -10.17
CA ASN A 100 -1.67 -28.40 -9.21
C ASN A 100 -3.18 -28.24 -9.32
N THR A 101 -3.88 -29.36 -9.54
CA THR A 101 -5.33 -29.32 -9.61
C THR A 101 -5.95 -29.01 -8.26
N THR A 102 -5.20 -29.19 -7.17
CA THR A 102 -5.70 -28.83 -5.85
C THR A 102 -6.07 -27.36 -5.78
N ASN A 103 -5.29 -26.48 -6.37
CA ASN A 103 -5.65 -25.08 -6.50
C ASN A 103 -6.93 -24.97 -7.31
N PRO A 104 -7.68 -23.88 -7.16
CA PRO A 104 -8.96 -23.78 -7.86
C PRO A 104 -8.80 -24.00 -9.34
N THR A 105 -9.59 -24.91 -9.90
CA THR A 105 -9.44 -25.32 -11.29
C THR A 105 -10.83 -25.51 -11.88
N ALA A 106 -11.08 -24.85 -13.00
CA ALA A 106 -12.38 -24.93 -13.66
C ALA A 106 -12.24 -25.81 -14.89
N TYR A 107 -12.86 -26.98 -14.85
CA TYR A 107 -12.84 -27.88 -15.98
C TYR A 107 -13.57 -27.26 -17.16
N HIS A 108 -13.09 -27.55 -18.36
CA HIS A 108 -13.60 -26.88 -19.54
C HIS A 108 -15.07 -27.17 -19.75
N LYS A 109 -15.86 -26.11 -19.82
CA LYS A 109 -17.28 -26.21 -20.15
C LYS A 109 -17.59 -25.09 -21.11
N ALA A 110 -18.01 -25.43 -22.33
CA ALA A 110 -18.24 -24.43 -23.36
C ALA A 110 -19.40 -23.53 -23.00
N PRO A 111 -19.46 -22.32 -23.59
CA PRO A 111 -18.50 -21.64 -24.45
C PRO A 111 -17.27 -21.09 -23.72
N LEU A 112 -17.44 -20.74 -22.47
CA LEU A 112 -16.42 -20.07 -21.70
C LEU A 112 -16.64 -20.35 -20.22
N THR A 113 -15.87 -19.69 -19.38
CA THR A 113 -15.91 -19.92 -17.95
C THR A 113 -15.79 -18.60 -17.20
N ARG A 114 -16.74 -18.34 -16.31
CA ARG A 114 -16.76 -17.12 -15.50
C ARG A 114 -16.49 -17.46 -14.04
N LEU A 115 -15.58 -16.72 -13.42
CA LEU A 115 -15.26 -16.88 -12.01
C LEU A 115 -15.42 -15.55 -11.29
N ALA A 116 -15.50 -15.61 -9.97
CA ALA A 116 -15.50 -14.43 -9.12
C ALA A 116 -14.34 -14.54 -8.15
N LEU A 117 -13.49 -13.52 -8.11
CA LEU A 117 -12.29 -13.69 -7.33
C LEU A 117 -12.19 -12.60 -6.28
N PRO A 118 -11.75 -12.93 -5.08
CA PRO A 118 -11.60 -11.94 -4.02
C PRO A 118 -10.36 -11.08 -4.22
N TYR A 119 -10.32 -9.98 -3.46
CA TYR A 119 -9.11 -9.16 -3.45
C TYR A 119 -8.07 -9.83 -2.58
N THR A 120 -7.02 -10.31 -3.23
CA THR A 120 -6.05 -11.18 -2.58
C THR A 120 -4.74 -10.49 -2.22
N ALA A 121 -4.55 -9.22 -2.54
CA ALA A 121 -3.27 -8.59 -2.33
C ALA A 121 -3.05 -8.26 -0.86
N PRO A 122 -1.80 -8.26 -0.39
CA PRO A 122 -1.54 -7.89 1.00
C PRO A 122 -1.75 -6.43 1.31
N HIS A 123 -1.55 -5.55 0.34
CA HIS A 123 -1.65 -4.12 0.58
C HIS A 123 -3.09 -3.71 0.79
N ARG A 124 -3.29 -2.77 1.71
CA ARG A 124 -4.66 -2.36 2.03
C ARG A 124 -5.40 -1.83 0.81
N VAL A 125 -4.71 -1.15 -0.11
CA VAL A 125 -5.32 -0.67 -1.34
C VAL A 125 -4.22 -0.60 -2.40
N LEU A 126 -4.57 -0.94 -3.62
CA LEU A 126 -3.60 -0.99 -4.70
C LEU A 126 -3.42 0.39 -5.31
N ALA A 127 -2.54 0.48 -6.30
CA ALA A 127 -2.18 1.76 -6.88
C ALA A 127 -1.99 1.61 -8.38
N THR A 128 -2.44 2.62 -9.11
CA THR A 128 -2.19 2.73 -10.55
C THR A 128 -0.83 3.31 -10.89
N VAL A 129 -0.29 4.18 -10.03
CA VAL A 129 1.00 4.80 -10.29
C VAL A 129 1.84 4.66 -9.03
N TYR A 130 3.08 4.22 -9.20
CA TYR A 130 3.93 3.95 -8.04
C TYR A 130 5.25 4.67 -8.24
N ASN A 131 5.70 5.37 -7.20
CA ASN A 131 6.97 6.11 -7.25
C ASN A 131 8.04 5.30 -6.55
N GLY A 132 8.97 4.78 -7.34
CA GLY A 132 10.06 3.97 -6.83
C GLY A 132 11.13 3.70 -7.88
N ARG A 157 7.37 3.72 -13.64
CA ARG A 157 7.39 2.90 -14.85
C ARG A 157 7.05 1.43 -14.52
N PRO A 158 7.86 0.75 -13.68
CA PRO A 158 7.44 -0.58 -13.22
C PRO A 158 6.48 -0.50 -12.04
N LEU A 159 5.61 -1.49 -11.90
CA LEU A 159 4.92 -1.46 -10.61
C LEU A 159 5.28 -2.68 -9.80
N PRO A 160 5.31 -2.53 -8.47
CA PRO A 160 5.80 -3.62 -7.62
C PRO A 160 5.08 -4.92 -7.90
N THR A 161 5.82 -6.03 -7.77
CA THR A 161 5.27 -7.34 -8.07
C THR A 161 4.10 -7.69 -7.18
N SER A 162 4.01 -7.07 -6.01
CA SER A 162 2.92 -7.42 -5.10
C SER A 162 1.58 -6.91 -5.57
N PHE A 163 1.50 -6.11 -6.64
CA PHE A 163 0.21 -5.66 -7.15
C PHE A 163 -0.22 -6.66 -8.22
N ASN A 164 -1.21 -7.48 -7.87
CA ASN A 164 -1.80 -8.46 -8.75
C ASN A 164 -2.84 -9.25 -7.97
N TYR A 165 -3.75 -9.88 -8.69
CA TYR A 165 -4.76 -10.76 -8.12
C TYR A 165 -4.37 -12.22 -8.23
N GLY A 166 -3.17 -12.49 -8.68
CA GLY A 166 -2.76 -13.86 -8.94
C GLY A 166 -2.71 -14.12 -10.43
N ALA A 167 -2.55 -15.39 -10.78
CA ALA A 167 -2.40 -15.73 -12.18
C ALA A 167 -3.31 -16.90 -12.50
N ILE A 168 -3.50 -17.12 -13.79
CA ILE A 168 -4.29 -18.24 -14.30
C ILE A 168 -3.51 -18.92 -15.40
N LYS A 169 -3.67 -20.24 -15.49
CA LYS A 169 -2.98 -21.01 -16.50
C LYS A 169 -3.96 -21.98 -17.13
N ALA A 170 -3.77 -22.23 -18.41
CA ALA A 170 -4.56 -23.20 -19.16
C ALA A 170 -3.71 -23.67 -20.33
N THR A 171 -4.13 -24.76 -20.95
CA THR A 171 -3.42 -25.23 -22.14
C THR A 171 -3.27 -24.10 -23.15
N ARG A 172 -4.35 -23.40 -23.44
CA ARG A 172 -4.26 -22.10 -24.10
C ARG A 172 -5.50 -21.30 -23.75
N VAL A 173 -5.35 -19.98 -23.64
CA VAL A 173 -6.48 -19.09 -23.36
C VAL A 173 -6.73 -18.21 -24.57
N THR A 174 -7.93 -18.30 -25.12
CA THR A 174 -8.28 -17.52 -26.29
C THR A 174 -8.69 -16.09 -25.97
N GLU A 175 -9.49 -15.88 -24.93
CA GLU A 175 -9.89 -14.53 -24.55
C GLU A 175 -9.87 -14.39 -23.04
N LEU A 176 -9.74 -13.15 -22.58
CA LEU A 176 -9.68 -12.85 -21.16
C LEU A 176 -10.41 -11.54 -20.91
N LEU A 177 -11.20 -11.48 -19.85
CA LEU A 177 -11.94 -10.28 -19.51
C LEU A 177 -11.79 -9.98 -18.03
N TYR A 178 -11.84 -8.70 -17.67
CA TYR A 178 -11.83 -8.28 -16.29
C TYR A 178 -13.09 -7.49 -15.98
N ARG A 179 -13.68 -7.78 -14.82
CA ARG A 179 -14.81 -7.00 -14.34
C ARG A 179 -14.58 -6.68 -12.88
N MET A 180 -14.52 -5.39 -12.57
CA MET A 180 -14.26 -4.95 -11.20
C MET A 180 -15.56 -4.90 -10.42
N LYS A 181 -15.49 -5.27 -9.14
CA LYS A 181 -16.64 -5.24 -8.26
C LYS A 181 -16.31 -4.42 -7.03
N ARG A 182 -17.28 -3.62 -6.59
CA ARG A 182 -17.15 -2.83 -5.36
C ARG A 182 -16.03 -1.80 -5.48
N ALA A 183 -15.83 -1.27 -6.69
CA ALA A 183 -14.70 -0.41 -6.95
C ALA A 183 -14.70 0.80 -6.02
N GLU A 184 -13.51 1.20 -5.60
CA GLU A 184 -13.30 2.37 -4.76
C GLU A 184 -12.04 3.07 -5.23
N THR A 185 -12.12 4.39 -5.40
CA THR A 185 -11.02 5.14 -5.97
C THR A 185 -10.64 6.30 -5.07
N TYR A 186 -9.40 6.75 -5.18
CA TYR A 186 -8.81 7.72 -4.28
C TYR A 186 -7.85 8.61 -5.05
N CYS A 187 -7.76 9.87 -4.66
CA CYS A 187 -6.76 10.79 -5.20
C CYS A 187 -6.78 10.84 -6.73
N PRO A 188 -7.73 11.52 -7.33
CA PRO A 188 -7.86 11.50 -8.79
C PRO A 188 -6.63 12.05 -9.51
N ARG A 189 -6.53 11.72 -10.79
CA ARG A 189 -5.40 12.05 -11.65
C ARG A 189 -5.94 12.51 -13.00
N PRO A 190 -5.09 13.13 -13.82
CA PRO A 190 -5.56 13.63 -15.12
C PRO A 190 -6.24 12.57 -15.97
N LEU A 191 -7.26 13.01 -16.70
CA LEU A 191 -7.98 12.18 -17.67
C LEU A 191 -8.02 12.98 -18.97
N LEU A 192 -7.44 12.44 -20.03
CA LEU A 192 -7.22 13.19 -21.25
C LEU A 192 -8.17 12.72 -22.35
N ALA A 193 -8.59 13.65 -23.20
CA ALA A 193 -9.37 13.33 -24.38
C ALA A 193 -8.50 13.44 -25.62
N VAL A 194 -9.07 13.12 -26.78
CA VAL A 194 -8.32 13.22 -28.02
C VAL A 194 -8.24 14.67 -28.45
N HIS A 195 -7.06 15.09 -28.89
CA HIS A 195 -6.80 16.49 -29.20
C HIS A 195 -7.10 16.75 -30.66
N PRO A 196 -8.13 17.52 -30.99
CA PRO A 196 -8.49 17.72 -32.39
C PRO A 196 -7.46 18.57 -33.11
N SER A 197 -7.33 18.33 -34.42
CA SER A 197 -6.58 19.23 -35.26
C SER A 197 -7.39 20.46 -35.65
N ALA A 198 -8.64 20.27 -36.04
CA ALA A 198 -9.52 21.37 -36.38
C ALA A 198 -10.13 21.94 -35.10
N ALA A 199 -11.12 22.83 -35.25
CA ALA A 199 -11.72 23.44 -34.07
C ALA A 199 -12.54 22.44 -33.26
N ARG A 200 -13.02 21.37 -33.87
CA ARG A 200 -13.79 20.38 -33.17
C ARG A 200 -13.24 19.00 -33.49
N HIS A 201 -13.71 18.01 -32.75
CA HIS A 201 -13.40 16.62 -33.05
C HIS A 201 -14.64 16.02 -33.69
N LYS A 202 -14.59 15.79 -34.99
CA LYS A 202 -15.76 15.34 -35.72
C LYS A 202 -15.66 13.85 -36.03
N GLN A 203 -16.64 13.10 -35.51
CA GLN A 203 -16.74 11.67 -35.73
C GLN A 203 -18.05 11.36 -36.42
N LYS A 204 -18.09 10.21 -37.07
CA LYS A 204 -19.34 9.76 -37.69
C LYS A 204 -20.23 9.12 -36.63
N ILE A 205 -21.38 9.71 -36.41
CA ILE A 205 -22.30 9.25 -35.38
C ILE A 205 -23.34 8.36 -36.02
N VAL A 206 -23.77 7.33 -35.29
CA VAL A 206 -24.76 6.38 -35.76
C VAL A 206 -26.01 7.12 -36.23
N ALA A 207 -26.43 6.87 -37.46
CA ALA A 207 -27.59 7.51 -38.04
C ALA A 207 -28.27 6.54 -38.98
N PRO A 208 -29.60 6.62 -39.12
CA PRO A 208 -30.35 5.70 -39.98
C PRO A 208 -30.19 5.98 -41.47
N ARG B 13 -4.48 40.59 5.72
CA ARG B 13 -4.50 39.13 5.68
C ARG B 13 -3.23 38.57 6.27
N ILE B 14 -3.11 38.60 7.59
CA ILE B 14 -1.90 38.18 8.27
C ILE B 14 -2.10 36.77 8.80
N LEU B 15 -1.11 35.92 8.60
CA LEU B 15 -1.19 34.53 9.03
C LEU B 15 0.15 34.11 9.62
N THR B 16 0.10 33.51 10.79
CA THR B 16 1.29 33.04 11.49
C THR B 16 1.21 31.54 11.68
N THR B 17 2.20 30.83 11.15
CA THR B 17 2.27 29.38 11.25
C THR B 17 3.40 28.98 12.18
N ARG B 18 3.07 28.23 13.22
CA ARG B 18 4.06 27.76 14.17
C ARG B 18 4.13 26.24 14.12
N ASN B 19 5.31 25.71 13.86
CA ASN B 19 5.59 24.28 13.99
C ASN B 19 6.79 24.15 14.92
N GLY B 20 6.64 23.34 15.96
CA GLY B 20 7.70 23.23 16.94
C GLY B 20 8.02 24.58 17.53
N HIS B 21 9.29 24.93 17.51
CA HIS B 21 9.75 26.25 17.97
C HIS B 21 9.96 27.21 16.81
N THR B 22 9.63 26.80 15.59
CA THR B 22 9.84 27.62 14.41
C THR B 22 8.52 28.20 13.94
N THR B 23 8.58 29.39 13.34
CA THR B 23 7.40 30.08 12.87
C THR B 23 7.61 30.66 11.49
N SER B 24 6.52 31.14 10.89
CA SER B 24 6.55 31.89 9.65
C SER B 24 5.38 32.86 9.64
N THR B 25 5.58 34.04 9.07
CA THR B 25 4.57 35.08 9.07
C THR B 25 4.44 35.65 7.67
N THR B 26 3.19 35.83 7.22
CA THR B 26 2.93 36.32 5.88
C THR B 26 1.83 37.36 5.90
N GLN B 27 2.15 38.58 5.48
CA GLN B 27 1.16 39.64 5.45
C GLN B 27 0.27 39.60 4.22
N SER B 28 0.71 38.97 3.13
CA SER B 28 -0.15 38.76 1.98
C SER B 28 -0.36 37.25 1.78
N SER B 29 -1.54 36.78 2.14
CA SER B 29 -1.81 35.35 2.16
C SER B 29 -3.27 35.09 1.85
N VAL B 30 -3.51 34.02 1.09
CA VAL B 30 -4.86 33.67 0.67
C VAL B 30 -5.45 32.59 1.57
N GLY B 31 -4.68 32.12 2.53
CA GLY B 31 -5.13 31.06 3.43
C GLY B 31 -4.48 29.73 3.12
N ILE B 32 -5.00 28.70 3.76
CA ILE B 32 -4.41 27.37 3.74
C ILE B 32 -5.29 26.48 2.88
N THR B 33 -4.68 25.51 2.19
CA THR B 33 -5.40 24.53 1.41
C THR B 33 -5.12 23.14 1.97
N HIS B 34 -6.15 22.49 2.49
CA HIS B 34 -6.02 21.18 3.10
C HIS B 34 -6.28 20.10 2.07
N GLY B 35 -5.22 19.37 1.69
CA GLY B 35 -5.34 18.31 0.71
C GLY B 35 -5.96 17.03 1.23
N TYR B 36 -6.96 16.51 0.53
CA TYR B 36 -7.39 15.13 0.63
C TYR B 36 -7.96 14.73 1.99
N ALA B 37 -7.75 15.54 3.02
CA ALA B 37 -8.32 15.30 4.33
C ALA B 37 -7.90 16.42 5.26
N THR B 38 -8.69 16.61 6.32
CA THR B 38 -8.37 17.59 7.33
C THR B 38 -7.45 17.06 8.42
N ALA B 39 -7.41 15.74 8.62
CA ALA B 39 -6.63 15.18 9.71
C ALA B 39 -6.20 13.77 9.36
N GLU B 40 -5.10 13.36 9.99
CA GLU B 40 -4.46 12.09 9.70
C GLU B 40 -5.41 10.92 9.98
N ASP B 41 -5.21 9.83 9.24
CA ASP B 41 -5.94 8.61 9.49
C ASP B 41 -5.38 7.90 10.71
N PHE B 42 -5.82 6.66 10.93
CA PHE B 42 -5.33 5.90 12.08
C PHE B 42 -3.83 5.67 11.99
N VAL B 43 -3.13 6.06 13.04
CA VAL B 43 -1.69 5.85 13.11
C VAL B 43 -1.29 4.44 13.52
N ASN B 44 -1.96 3.86 14.50
CA ASN B 44 -1.54 2.61 15.10
C ASN B 44 -2.23 1.48 14.34
N GLY B 45 -1.44 0.72 13.59
CA GLY B 45 -1.99 -0.32 12.77
C GLY B 45 -1.71 -1.71 13.31
N PRO B 46 -2.28 -2.72 12.67
CA PRO B 46 -1.95 -4.10 13.04
C PRO B 46 -0.57 -4.52 12.60
N ASN B 47 0.03 -3.83 11.63
CA ASN B 47 1.26 -4.31 11.04
C ASN B 47 2.50 -4.01 11.88
N THR B 48 2.46 -3.02 12.76
CA THR B 48 3.61 -2.68 13.58
C THR B 48 3.58 -3.26 14.99
N SER B 49 2.52 -3.99 15.35
CA SER B 49 2.42 -4.60 16.67
C SER B 49 2.48 -3.55 17.78
N GLY B 50 2.12 -2.31 17.47
CA GLY B 50 2.12 -1.28 18.47
C GLY B 50 3.49 -0.81 18.90
N LEU B 51 4.53 -1.08 18.12
CA LEU B 51 5.87 -0.63 18.46
C LEU B 51 6.20 0.72 17.86
N GLU B 52 5.25 1.38 17.22
CA GLU B 52 5.49 2.71 16.69
C GLU B 52 5.49 3.76 17.79
N THR B 53 6.20 4.86 17.52
CA THR B 53 6.29 5.97 18.44
C THR B 53 6.27 7.26 17.66
N ARG B 54 5.80 8.32 18.31
CA ARG B 54 5.76 9.64 17.71
C ARG B 54 7.00 10.42 18.12
N VAL B 55 7.61 11.08 17.15
CA VAL B 55 8.83 11.87 17.38
C VAL B 55 8.39 13.33 17.37
N VAL B 56 8.46 13.98 18.53
CA VAL B 56 7.95 15.34 18.61
C VAL B 56 8.96 16.33 18.05
N GLN B 57 10.25 16.13 18.35
CA GLN B 57 11.24 17.12 17.99
C GLN B 57 11.48 17.20 16.49
N ALA B 58 10.94 16.29 15.71
CA ALA B 58 11.19 16.28 14.28
C ALA B 58 10.30 17.23 13.51
N GLU B 59 9.27 17.78 14.13
CA GLU B 59 8.29 18.59 13.41
C GLU B 59 8.73 20.05 13.50
N ARG B 60 9.18 20.57 12.37
CA ARG B 60 9.61 21.95 12.27
C ARG B 60 10.03 22.23 10.84
N PHE B 61 10.10 23.51 10.51
CA PHE B 61 10.35 23.91 9.14
C PHE B 61 11.77 23.59 8.71
N PHE B 62 11.97 23.54 7.40
CA PHE B 62 13.28 23.59 6.79
C PHE B 62 13.15 24.22 5.41
N LYS B 63 14.20 24.91 4.99
CA LYS B 63 14.11 25.76 3.81
C LYS B 63 14.98 25.21 2.69
N THR B 64 14.50 25.39 1.48
CA THR B 64 15.22 24.92 0.31
C THR B 64 14.91 25.83 -0.88
N HIS B 65 15.85 25.89 -1.81
CA HIS B 65 15.68 26.69 -3.01
C HIS B 65 15.01 25.84 -4.09
N LEU B 66 14.18 26.47 -4.91
CA LEU B 66 13.55 25.76 -6.01
C LEU B 66 14.17 26.14 -7.34
N PHE B 67 13.90 27.34 -7.83
CA PHE B 67 14.51 27.79 -9.07
C PHE B 67 14.39 29.30 -9.14
N ASP B 68 14.75 29.85 -10.29
CA ASP B 68 14.63 31.29 -10.55
C ASP B 68 13.63 31.46 -11.68
N TRP B 69 12.56 32.18 -11.42
CA TRP B 69 11.49 32.30 -12.39
C TRP B 69 11.67 33.59 -13.18
N VAL B 70 11.96 33.44 -14.47
CA VAL B 70 12.35 34.54 -15.34
C VAL B 70 11.40 34.60 -16.52
N THR B 71 11.42 35.74 -17.20
CA THR B 71 10.52 35.98 -18.32
C THR B 71 10.65 34.93 -19.42
N SER B 72 11.86 34.41 -19.64
CA SER B 72 12.07 33.45 -20.71
C SER B 72 11.32 32.14 -20.50
N ASP B 73 10.98 31.80 -19.26
CA ASP B 73 10.26 30.56 -19.02
C ASP B 73 8.89 30.62 -19.68
N PRO B 74 8.57 29.71 -20.56
CA PRO B 74 7.24 29.73 -21.18
C PRO B 74 6.23 29.05 -20.29
N PHE B 75 5.00 28.91 -20.77
CA PHE B 75 4.06 28.03 -20.09
C PHE B 75 4.60 26.60 -20.13
N GLY B 76 4.35 25.87 -19.06
CA GLY B 76 4.76 24.49 -18.97
C GLY B 76 6.04 24.24 -18.21
N ARG B 77 6.82 25.28 -17.95
CA ARG B 77 7.99 25.13 -17.09
C ARG B 77 7.56 24.57 -15.75
N TYR B 78 8.14 23.45 -15.35
CA TYR B 78 7.73 22.78 -14.13
C TYR B 78 8.96 22.34 -13.36
N TYR B 79 8.81 22.27 -12.04
CA TYR B 79 9.90 21.84 -11.19
C TYR B 79 9.40 20.80 -10.21
N LEU B 80 9.91 19.58 -10.33
CA LEU B 80 9.62 18.51 -9.39
C LEU B 80 10.50 18.64 -8.16
N LEU B 81 9.92 18.40 -7.00
CA LEU B 81 10.68 18.23 -5.77
C LEU B 81 10.07 17.07 -5.02
N GLU B 82 10.86 16.02 -4.78
CA GLU B 82 10.32 14.83 -4.15
C GLU B 82 10.56 14.87 -2.66
N LEU B 83 9.57 14.38 -1.92
CA LEU B 83 9.60 14.44 -0.46
C LEU B 83 9.45 13.04 0.11
N PRO B 84 10.19 12.73 1.17
CA PRO B 84 11.18 13.57 1.84
C PRO B 84 12.44 13.74 1.01
N THR B 85 13.20 14.78 1.30
CA THR B 85 14.45 15.07 0.63
C THR B 85 15.60 14.89 1.60
N ASP B 86 16.81 15.17 1.12
CA ASP B 86 17.97 15.09 1.98
C ASP B 86 17.89 16.16 3.05
N HIS B 87 17.96 15.73 4.31
CA HIS B 87 17.65 16.58 5.45
C HIS B 87 18.73 16.36 6.48
N LYS B 88 19.39 17.42 6.90
CA LYS B 88 20.51 17.31 7.82
C LYS B 88 20.13 17.57 9.27
N GLY B 89 18.85 17.83 9.55
CA GLY B 89 18.38 18.06 10.88
C GLY B 89 18.06 16.77 11.61
N VAL B 90 17.14 16.86 12.57
CA VAL B 90 16.69 15.67 13.26
C VAL B 90 15.92 14.76 12.31
N TYR B 91 15.10 15.35 11.44
CA TYR B 91 14.26 14.53 10.57
C TYR B 91 15.10 13.67 9.65
N GLY B 92 16.27 14.14 9.26
CA GLY B 92 17.13 13.34 8.42
C GLY B 92 17.68 12.13 9.15
N SER B 93 18.12 12.33 10.40
CA SER B 93 18.70 11.23 11.15
C SER B 93 17.70 10.12 11.37
N LEU B 94 16.43 10.46 11.62
CA LEU B 94 15.40 9.44 11.80
C LEU B 94 15.40 8.44 10.65
N THR B 95 15.40 8.94 9.42
CA THR B 95 15.39 8.07 8.25
C THR B 95 16.49 7.03 8.30
N ASP B 96 17.61 7.32 8.94
CA ASP B 96 18.68 6.36 9.09
C ASP B 96 18.57 5.50 10.34
N SER B 97 17.79 5.92 11.34
CA SER B 97 17.66 5.15 12.56
C SER B 97 16.39 4.32 12.64
N TYR B 98 15.49 4.42 11.68
CA TYR B 98 14.21 3.73 11.76
C TYR B 98 13.80 3.23 10.39
N ALA B 99 13.40 1.96 10.32
CA ALA B 99 13.15 1.33 9.03
C ALA B 99 11.75 1.60 8.50
N TYR B 100 10.89 2.19 9.29
CA TYR B 100 9.53 2.48 8.87
C TYR B 100 9.10 3.83 9.41
N MET B 101 8.56 4.68 8.55
CA MET B 101 8.16 6.01 8.96
C MET B 101 6.87 6.39 8.27
N ARG B 102 6.22 7.41 8.82
CA ARG B 102 5.11 8.07 8.13
C ARG B 102 5.03 9.49 8.67
N ASN B 103 4.39 10.35 7.88
CA ASN B 103 4.25 11.75 8.26
C ASN B 103 3.42 12.46 7.20
N GLY B 104 2.82 13.57 7.62
CA GLY B 104 2.17 14.48 6.70
C GLY B 104 3.05 15.68 6.41
N TRP B 105 2.72 16.39 5.35
CA TRP B 105 3.53 17.51 4.93
C TRP B 105 2.74 18.80 5.04
N ASP B 106 3.37 19.80 5.61
CA ASP B 106 2.87 21.18 5.62
C ASP B 106 3.84 21.98 4.78
N VAL B 107 3.40 22.39 3.59
CA VAL B 107 4.29 22.97 2.58
C VAL B 107 3.95 24.44 2.41
N GLU B 108 4.98 25.25 2.22
CA GLU B 108 4.80 26.67 1.98
C GLU B 108 5.84 27.11 0.96
N VAL B 109 5.40 27.84 -0.06
CA VAL B 109 6.26 28.29 -1.16
C VAL B 109 6.14 29.80 -1.28
N THR B 110 7.28 30.45 -1.52
CA THR B 110 7.37 31.90 -1.46
C THR B 110 8.13 32.43 -2.68
N ALA B 111 7.47 33.27 -3.46
CA ALA B 111 8.11 33.92 -4.61
C ALA B 111 7.81 35.42 -4.51
N VAL B 112 8.86 36.21 -4.25
CA VAL B 112 8.69 37.63 -3.97
C VAL B 112 9.24 38.47 -5.11
N GLY B 113 8.35 39.07 -5.88
CA GLY B 113 8.67 40.19 -6.73
C GLY B 113 8.06 41.39 -6.06
N ASN B 114 7.67 42.42 -6.80
CA ASN B 114 6.80 43.43 -6.22
C ASN B 114 5.45 43.29 -6.90
N GLN B 115 4.49 44.11 -6.48
CA GLN B 115 3.14 43.97 -7.00
C GLN B 115 3.01 44.41 -8.45
N PHE B 116 4.07 44.92 -9.06
CA PHE B 116 4.02 45.31 -10.46
C PHE B 116 4.48 44.23 -11.42
N ASN B 117 4.96 43.10 -10.91
CA ASN B 117 5.23 41.93 -11.74
C ASN B 117 3.94 41.27 -12.16
N GLY B 118 4.03 40.43 -13.19
CA GLY B 118 2.88 39.76 -13.73
C GLY B 118 3.24 38.35 -14.17
N GLY B 119 2.21 37.57 -14.43
CA GLY B 119 2.35 36.14 -14.56
C GLY B 119 1.83 35.44 -13.32
N CYS B 120 1.83 34.12 -13.38
CA CYS B 120 1.22 33.36 -12.30
C CYS B 120 1.89 32.02 -12.20
N LEU B 121 1.86 31.44 -11.00
CA LEU B 121 2.42 30.13 -10.74
C LEU B 121 1.36 29.23 -10.13
N LEU B 122 1.51 27.93 -10.34
CA LEU B 122 0.65 26.92 -9.76
C LEU B 122 1.51 25.90 -9.03
N VAL B 123 1.34 25.81 -7.72
CA VAL B 123 2.07 24.86 -6.89
C VAL B 123 1.10 23.76 -6.49
N ALA B 124 1.57 22.52 -6.47
CA ALA B 124 0.70 21.41 -6.16
C ALA B 124 1.48 20.29 -5.50
N MET B 125 0.82 19.57 -4.60
CA MET B 125 1.38 18.39 -3.98
C MET B 125 0.76 17.19 -4.70
N VAL B 126 1.56 16.50 -5.50
CA VAL B 126 1.09 15.44 -6.37
C VAL B 126 1.56 14.11 -5.81
N PRO B 127 0.66 13.27 -5.31
CA PRO B 127 1.08 11.96 -4.83
C PRO B 127 1.42 11.04 -5.97
N GLU B 128 2.50 10.28 -5.79
CA GLU B 128 2.95 9.32 -6.78
C GLU B 128 3.13 10.00 -8.14
N LEU B 129 4.12 10.87 -8.23
CA LEU B 129 4.35 11.59 -9.48
C LEU B 129 5.43 10.87 -10.26
N CYS B 130 5.03 10.28 -11.39
CA CYS B 130 5.99 9.70 -12.32
C CYS B 130 5.64 10.13 -13.74
N SER B 131 6.56 10.89 -14.34
CA SER B 131 6.52 11.25 -15.74
C SER B 131 5.14 11.72 -16.20
N ILE B 132 4.69 12.86 -15.68
CA ILE B 132 3.42 13.45 -16.08
C ILE B 132 3.56 13.98 -17.50
N GLU B 133 2.54 13.74 -18.32
CA GLU B 133 2.59 14.14 -19.71
C GLU B 133 2.34 15.64 -19.85
N GLN B 134 2.88 16.21 -20.93
CA GLN B 134 2.73 17.63 -21.19
C GLN B 134 1.27 18.05 -21.21
N ARG B 135 0.45 17.35 -21.99
CA ARG B 135 -0.98 17.66 -21.98
C ARG B 135 -1.59 17.47 -20.60
N GLU B 136 -1.08 16.50 -19.83
CA GLU B 136 -1.66 16.24 -18.52
C GLU B 136 -1.53 17.44 -17.59
N LEU B 137 -0.72 18.45 -17.94
CA LEU B 137 -0.55 19.59 -17.06
C LEU B 137 -1.76 20.49 -17.05
N PHE B 138 -2.53 20.51 -18.14
CA PHE B 138 -3.74 21.32 -18.14
C PHE B 138 -4.73 20.89 -17.06
N GLN B 139 -4.70 19.62 -16.65
CA GLN B 139 -5.58 19.13 -15.60
C GLN B 139 -4.90 19.11 -14.24
N LEU B 140 -3.68 19.64 -14.15
CA LEU B 140 -2.90 19.56 -12.92
C LEU B 140 -3.63 20.15 -11.72
N THR B 141 -4.65 20.98 -11.93
CA THR B 141 -5.39 21.53 -10.82
C THR B 141 -6.13 20.49 -10.00
N LEU B 142 -6.23 19.24 -10.48
CA LEU B 142 -6.93 18.22 -9.71
C LEU B 142 -6.29 17.96 -8.37
N PHE B 143 -5.02 18.17 -8.25
CA PHE B 143 -4.33 17.96 -7.00
C PHE B 143 -4.42 19.19 -6.14
N PRO B 144 -4.15 19.08 -4.83
CA PRO B 144 -4.21 20.26 -3.97
C PRO B 144 -3.27 21.34 -4.50
N HIS B 145 -3.71 22.58 -4.44
CA HIS B 145 -2.90 23.63 -5.05
C HIS B 145 -3.28 24.98 -4.48
N GLN B 146 -2.51 25.99 -4.88
CA GLN B 146 -2.85 27.40 -4.79
C GLN B 146 -2.09 28.12 -5.89
N PHE B 147 -2.69 29.18 -6.40
CA PHE B 147 -2.02 30.03 -7.36
C PHE B 147 -1.21 31.11 -6.65
N ILE B 148 -0.02 31.37 -7.15
CA ILE B 148 0.78 32.51 -6.74
C ILE B 148 0.63 33.55 -7.83
N ASN B 149 -0.11 34.61 -7.54
CA ASN B 149 -0.32 35.69 -8.49
C ASN B 149 0.31 36.94 -7.90
N PRO B 150 1.44 37.41 -8.44
CA PRO B 150 2.15 38.53 -7.81
C PRO B 150 1.31 39.76 -7.65
N ARG B 151 0.23 39.85 -8.43
CA ARG B 151 -0.75 40.88 -8.20
C ARG B 151 -1.32 40.83 -6.79
N THR B 152 -1.40 39.65 -6.19
CA THR B 152 -2.07 39.49 -4.91
C THR B 152 -1.18 38.90 -3.83
N ASN B 153 -0.79 37.63 -3.94
CA ASN B 153 -0.12 36.95 -2.86
C ASN B 153 1.30 36.60 -3.25
N MET B 154 2.19 36.64 -2.27
CA MET B 154 3.55 36.20 -2.42
C MET B 154 3.77 34.78 -1.93
N THR B 155 2.74 34.12 -1.42
CA THR B 155 2.90 32.92 -0.64
C THR B 155 1.81 31.92 -0.99
N ALA B 156 2.20 30.65 -1.12
CA ALA B 156 1.26 29.56 -1.25
C ALA B 156 1.52 28.56 -0.14
N HIS B 157 0.45 28.01 0.43
CA HIS B 157 0.53 27.22 1.65
C HIS B 157 -0.41 26.04 1.52
N ILE B 158 0.11 24.83 1.75
CA ILE B 158 -0.62 23.61 1.49
C ILE B 158 -0.35 22.63 2.62
N LYS B 159 -1.39 21.92 3.06
CA LYS B 159 -1.26 20.88 4.07
C LYS B 159 -1.88 19.60 3.55
N VAL B 160 -1.12 18.51 3.59
CA VAL B 160 -1.59 17.24 3.05
C VAL B 160 -1.20 16.10 3.99
N PRO B 161 -1.99 15.04 4.09
CA PRO B 161 -1.67 13.95 5.01
C PRO B 161 -0.72 12.93 4.40
N PHE B 162 -0.49 11.83 5.11
CA PHE B 162 0.32 10.76 4.56
C PHE B 162 -0.55 9.82 3.74
N VAL B 163 -0.15 9.58 2.50
CA VAL B 163 -0.85 8.67 1.61
C VAL B 163 0.11 7.58 1.18
N GLY B 164 -0.42 6.40 0.95
CA GLY B 164 0.36 5.29 0.44
C GLY B 164 -0.39 3.99 0.56
N VAL B 165 0.11 2.98 -0.16
CA VAL B 165 -0.52 1.67 -0.14
C VAL B 165 -0.18 0.93 1.14
N ASN B 166 0.72 1.48 1.95
CA ASN B 166 1.09 0.90 3.22
C ASN B 166 0.78 1.92 4.31
N ARG B 167 0.61 1.44 5.53
CA ARG B 167 0.33 2.36 6.63
C ARG B 167 1.60 3.06 7.10
N TYR B 168 2.73 2.36 7.04
CA TYR B 168 4.04 2.96 7.21
C TYR B 168 4.84 2.72 5.94
N ASP B 169 5.66 3.69 5.58
CA ASP B 169 6.42 3.59 4.35
C ASP B 169 7.91 3.63 4.65
N GLN B 170 8.70 3.13 3.72
CA GLN B 170 10.15 3.12 3.82
C GLN B 170 10.66 4.18 2.86
N TYR B 171 11.13 5.30 3.38
CA TYR B 171 11.43 6.43 2.52
C TYR B 171 12.66 6.23 1.68
N LYS B 172 13.41 5.15 1.89
CA LYS B 172 14.53 4.89 0.99
C LYS B 172 14.05 4.51 -0.40
N VAL B 173 13.13 3.55 -0.49
CA VAL B 173 12.68 3.05 -1.78
C VAL B 173 11.40 3.69 -2.27
N HIS B 174 10.79 4.57 -1.50
CA HIS B 174 9.53 5.17 -1.92
C HIS B 174 9.45 6.61 -1.43
N LYS B 175 9.05 7.51 -2.32
CA LYS B 175 8.75 8.89 -1.97
C LYS B 175 7.29 9.13 -2.29
N PRO B 176 6.41 9.22 -1.30
CA PRO B 176 4.97 9.35 -1.61
C PRO B 176 4.59 10.66 -2.25
N TRP B 177 5.13 11.78 -1.80
CA TRP B 177 4.71 13.08 -2.26
C TRP B 177 5.78 13.73 -3.13
N THR B 178 5.32 14.53 -4.08
CA THR B 178 6.20 15.29 -4.96
C THR B 178 5.66 16.70 -5.09
N LEU B 179 6.43 17.68 -4.65
CA LEU B 179 6.06 19.07 -4.84
C LEU B 179 6.39 19.51 -6.25
N VAL B 180 5.40 20.05 -6.95
CA VAL B 180 5.57 20.48 -8.34
C VAL B 180 5.10 21.92 -8.47
N VAL B 181 5.86 22.73 -9.19
CA VAL B 181 5.59 24.15 -9.37
C VAL B 181 5.62 24.45 -10.86
N MET B 182 4.51 24.92 -11.40
CA MET B 182 4.36 25.08 -12.83
C MET B 182 4.04 26.53 -13.15
N VAL B 183 4.53 26.99 -14.31
CA VAL B 183 4.29 28.36 -14.76
C VAL B 183 3.07 28.37 -15.66
N VAL B 184 1.97 28.93 -15.16
CA VAL B 184 0.75 29.04 -15.94
C VAL B 184 0.78 30.28 -16.83
N ALA B 185 1.44 31.34 -16.40
CA ALA B 185 1.61 32.53 -17.22
C ALA B 185 3.04 33.03 -17.07
N PRO B 186 3.66 33.48 -18.14
CA PRO B 186 5.07 33.88 -18.04
C PRO B 186 5.21 35.22 -17.33
N LEU B 187 6.40 35.47 -16.81
CA LEU B 187 6.64 36.68 -16.03
C LEU B 187 6.66 37.89 -16.95
N THR B 188 6.21 39.02 -16.42
CA THR B 188 6.32 40.31 -17.11
C THR B 188 6.71 41.37 -16.09
N VAL B 189 7.79 42.08 -16.38
CA VAL B 189 8.31 43.09 -15.47
C VAL B 189 7.54 44.39 -15.59
N ASN B 190 7.24 44.80 -16.82
CA ASN B 190 6.54 46.05 -17.11
C ASN B 190 7.30 47.24 -16.53
N THR B 191 8.61 47.07 -16.37
CA THR B 191 9.56 48.09 -16.00
C THR B 191 9.47 48.53 -14.55
N GLU B 192 8.34 48.26 -13.90
CA GLU B 192 8.21 48.53 -12.48
C GLU B 192 8.37 47.32 -11.58
N GLY B 193 8.53 46.14 -12.15
CA GLY B 193 8.60 44.96 -11.32
C GLY B 193 10.01 44.48 -11.09
N ALA B 194 10.12 43.42 -10.31
CA ALA B 194 11.43 42.81 -10.13
C ALA B 194 11.88 42.18 -11.43
N PRO B 195 13.16 42.28 -11.78
CA PRO B 195 13.63 41.67 -13.03
C PRO B 195 13.45 40.17 -13.08
N GLN B 196 13.66 39.48 -11.96
CA GLN B 196 13.37 38.06 -11.88
C GLN B 196 12.93 37.76 -10.47
N ILE B 197 12.29 36.61 -10.30
CA ILE B 197 11.72 36.21 -9.02
C ILE B 197 12.33 34.88 -8.63
N LYS B 198 12.84 34.78 -7.41
CA LYS B 198 13.39 33.53 -6.92
C LYS B 198 12.33 32.82 -6.09
N VAL B 199 12.27 31.51 -6.21
CA VAL B 199 11.24 30.71 -5.56
C VAL B 199 11.89 29.85 -4.50
N TYR B 200 11.42 29.98 -3.26
CA TYR B 200 11.89 29.20 -2.14
C TYR B 200 10.74 28.43 -1.53
N ALA B 201 11.07 27.44 -0.72
CA ALA B 201 10.07 26.62 -0.06
C ALA B 201 10.41 26.48 1.40
N ASN B 202 9.38 26.48 2.24
CA ASN B 202 9.54 26.32 3.68
C ASN B 202 8.60 25.19 4.09
N ILE B 203 9.18 24.05 4.47
CA ILE B 203 8.42 22.81 4.59
C ILE B 203 8.66 22.22 5.96
N ALA B 204 7.62 21.67 6.56
CA ALA B 204 7.76 21.00 7.84
C ALA B 204 7.03 19.66 7.78
N PRO B 205 7.59 18.61 8.35
CA PRO B 205 6.83 17.36 8.51
C PRO B 205 5.76 17.55 9.55
N THR B 206 4.76 16.66 9.54
CA THR B 206 3.75 16.62 10.57
C THR B 206 3.39 15.18 10.89
N ASN B 207 3.12 14.92 12.16
CA ASN B 207 2.61 13.63 12.61
C ASN B 207 3.58 12.51 12.30
N VAL B 208 4.87 12.80 12.44
CA VAL B 208 5.90 11.80 12.18
C VAL B 208 5.75 10.66 13.17
N HIS B 209 5.90 9.43 12.69
CA HIS B 209 5.93 8.25 13.52
C HIS B 209 6.99 7.32 12.96
N VAL B 210 7.64 6.57 13.84
CA VAL B 210 8.74 5.71 13.43
C VAL B 210 8.61 4.36 14.12
N ALA B 211 9.32 3.37 13.56
CA ALA B 211 9.36 2.03 14.14
C ALA B 211 10.61 1.34 13.65
N GLY B 212 10.99 0.25 14.33
CA GLY B 212 12.06 -0.57 13.82
C GLY B 212 13.46 0.01 13.81
N GLU B 213 14.01 0.31 14.98
CA GLU B 213 15.38 0.82 15.06
C GLU B 213 16.33 -0.07 14.29
N PHE B 214 17.22 0.54 13.52
CA PHE B 214 18.34 -0.19 12.96
C PHE B 214 19.41 -0.41 14.02
N PRO B 215 20.38 -1.26 13.74
CA PRO B 215 21.63 -1.23 14.51
C PRO B 215 22.45 -0.03 14.07
N SER B 216 23.60 0.15 14.70
CA SER B 216 24.45 1.27 14.34
C SER B 216 25.54 0.80 13.38
N LYS B 217 26.41 1.73 13.01
CA LYS B 217 27.53 1.42 12.12
C LYS B 217 28.69 0.76 12.85
N GLU B 218 28.81 0.95 14.15
CA GLU B 218 29.93 0.43 14.92
C GLU B 218 29.73 -1.05 15.26
N GLY C 1 -48.57 -23.33 -18.64
CA GLY C 1 -47.26 -23.79 -19.04
C GLY C 1 -46.46 -24.32 -17.88
N ILE C 2 -45.14 -24.14 -17.93
CA ILE C 2 -44.24 -24.53 -16.86
C ILE C 2 -43.25 -23.40 -16.63
N PHE C 3 -42.71 -23.39 -15.42
CA PHE C 3 -41.86 -22.29 -14.99
C PHE C 3 -40.68 -22.16 -15.93
N PRO C 4 -40.55 -21.04 -16.66
CA PRO C 4 -39.42 -20.88 -17.58
C PRO C 4 -38.15 -20.54 -16.83
N VAL C 5 -37.02 -20.72 -17.51
CA VAL C 5 -35.72 -20.54 -16.89
C VAL C 5 -34.72 -20.24 -18.00
N ALA C 6 -33.58 -19.68 -17.61
CA ALA C 6 -32.53 -19.32 -18.56
C ALA C 6 -31.23 -19.98 -18.12
N CYS C 7 -30.71 -20.88 -18.95
CA CYS C 7 -29.44 -21.53 -18.65
C CYS C 7 -28.31 -20.56 -19.01
N SER C 8 -27.53 -20.15 -18.02
CA SER C 8 -26.59 -19.06 -18.24
C SER C 8 -25.24 -19.60 -18.64
N ASP C 9 -24.57 -18.88 -19.53
CA ASP C 9 -23.24 -19.27 -19.98
C ASP C 9 -22.20 -18.90 -18.94
N GLY C 10 -21.09 -19.62 -18.95
CA GLY C 10 -20.02 -19.38 -18.02
C GLY C 10 -20.29 -19.79 -16.60
N TYR C 11 -21.43 -20.42 -16.34
CA TYR C 11 -21.76 -20.95 -15.03
C TYR C 11 -21.84 -22.46 -15.10
N GLY C 12 -21.63 -23.10 -13.96
CA GLY C 12 -21.86 -24.51 -13.81
C GLY C 12 -20.66 -25.39 -14.01
N GLY C 13 -19.63 -24.90 -14.69
CA GLY C 13 -18.40 -25.64 -14.80
C GLY C 13 -17.87 -26.04 -13.43
N LEU C 14 -17.30 -27.23 -13.37
CA LEU C 14 -16.85 -27.75 -12.09
C LEU C 14 -15.67 -26.94 -11.58
N VAL C 15 -15.63 -26.70 -10.28
CA VAL C 15 -14.52 -26.00 -9.64
C VAL C 15 -14.02 -26.85 -8.49
N THR C 16 -12.73 -27.15 -8.47
CA THR C 16 -12.18 -28.09 -7.50
C THR C 16 -12.46 -27.65 -6.07
N THR C 17 -12.41 -26.33 -5.83
CA THR C 17 -12.64 -25.80 -4.50
C THR C 17 -14.07 -25.29 -4.28
N ASP C 18 -14.98 -25.52 -5.22
CA ASP C 18 -16.28 -24.86 -5.17
C ASP C 18 -17.02 -25.15 -3.86
N PRO C 19 -17.89 -24.25 -3.42
CA PRO C 19 -18.58 -24.45 -2.15
C PRO C 19 -19.95 -25.08 -2.27
N LYS C 20 -20.06 -26.30 -2.79
CA LYS C 20 -21.35 -26.96 -2.87
C LYS C 20 -21.15 -28.47 -2.86
N THR C 21 -22.24 -29.19 -2.61
CA THR C 21 -22.20 -30.57 -2.19
C THR C 21 -22.70 -31.52 -3.28
N ALA C 22 -22.16 -32.73 -3.27
CA ALA C 22 -22.57 -33.74 -4.23
C ALA C 22 -23.95 -34.30 -3.90
N ASP C 23 -24.58 -34.90 -4.90
CA ASP C 23 -25.88 -35.53 -4.70
C ASP C 23 -25.72 -36.90 -4.06
N PRO C 24 -26.35 -37.14 -2.92
CA PRO C 24 -26.14 -38.39 -2.20
C PRO C 24 -26.70 -39.60 -2.93
N VAL C 25 -25.85 -40.60 -3.07
CA VAL C 25 -26.23 -41.85 -3.72
C VAL C 25 -26.87 -42.86 -2.77
N TYR C 26 -26.27 -43.06 -1.60
CA TYR C 26 -26.48 -44.26 -0.79
C TYR C 26 -26.65 -43.82 0.66
N GLY C 27 -27.86 -44.02 1.20
CA GLY C 27 -28.21 -43.37 2.45
C GLY C 27 -28.32 -44.29 3.65
N LYS C 28 -28.68 -43.68 4.78
CA LYS C 28 -29.03 -44.40 6.01
C LYS C 28 -27.92 -45.33 6.49
N VAL C 29 -26.74 -44.78 6.70
CA VAL C 29 -25.67 -45.48 7.42
C VAL C 29 -25.41 -44.74 8.72
N PHE C 30 -25.00 -45.47 9.75
CA PHE C 30 -24.68 -44.88 11.04
C PHE C 30 -23.22 -45.17 11.37
N ASN C 31 -22.56 -44.20 11.92
CA ASN C 31 -21.16 -44.35 12.25
C ASN C 31 -21.02 -45.05 13.59
N PRO C 32 -19.92 -45.77 13.80
CA PRO C 32 -19.60 -46.23 15.14
C PRO C 32 -19.29 -45.02 16.01
N PRO C 33 -19.81 -44.99 17.23
CA PRO C 33 -19.68 -43.77 18.04
C PRO C 33 -18.22 -43.47 18.35
N ARG C 34 -17.78 -42.28 17.93
CA ARG C 34 -16.40 -41.87 18.16
C ARG C 34 -16.25 -40.80 19.24
N ASN C 35 -17.33 -40.43 19.93
CA ASN C 35 -17.32 -39.24 20.76
C ASN C 35 -16.21 -39.26 21.81
N MET C 36 -15.64 -38.08 22.06
CA MET C 36 -14.57 -37.85 23.03
C MET C 36 -13.43 -38.88 22.90
N LEU C 37 -12.87 -38.97 21.72
CA LEU C 37 -11.58 -39.61 21.63
C LEU C 37 -10.49 -38.64 22.09
N PRO C 38 -9.34 -39.14 22.50
CA PRO C 38 -8.28 -38.26 23.00
C PRO C 38 -7.54 -37.57 21.88
N GLY C 39 -6.89 -36.46 22.23
CA GLY C 39 -5.98 -35.79 21.33
C GLY C 39 -6.60 -35.24 20.07
N ARG C 40 -7.66 -34.45 20.17
CA ARG C 40 -8.25 -33.86 18.99
C ARG C 40 -7.75 -32.45 18.79
N PHE C 41 -7.56 -32.07 17.54
CA PHE C 41 -7.23 -30.70 17.18
C PHE C 41 -8.07 -30.29 15.99
N THR C 42 -8.83 -29.20 16.13
CA THR C 42 -9.67 -28.74 15.05
C THR C 42 -8.98 -27.71 14.16
N ASN C 43 -7.83 -27.19 14.56
CA ASN C 43 -7.17 -26.15 13.80
C ASN C 43 -5.68 -26.39 13.82
N LEU C 44 -5.05 -26.28 12.64
CA LEU C 44 -3.66 -26.68 12.51
C LEU C 44 -2.71 -25.64 13.11
N LEU C 45 -3.20 -24.47 13.48
CA LEU C 45 -2.36 -23.53 14.21
C LEU C 45 -2.27 -23.83 15.68
N ASP C 46 -3.35 -24.30 16.30
CA ASP C 46 -3.30 -24.57 17.73
C ASP C 46 -2.22 -25.59 18.05
N VAL C 47 -2.07 -26.61 17.21
CA VAL C 47 -0.98 -27.56 17.40
C VAL C 47 0.35 -26.90 17.14
N ALA C 48 0.37 -25.79 16.39
CA ALA C 48 1.62 -25.07 16.19
C ALA C 48 1.95 -24.18 17.38
N GLU C 49 0.95 -23.74 18.13
CA GLU C 49 1.24 -22.92 19.31
C GLU C 49 1.62 -23.78 20.51
N ALA C 50 1.04 -24.96 20.62
CA ALA C 50 1.20 -25.73 21.85
C ALA C 50 2.34 -26.73 21.79
N CYS C 51 3.02 -26.84 20.65
CA CYS C 51 4.06 -27.85 20.48
C CYS C 51 5.24 -27.27 19.70
N PRO C 52 6.14 -26.56 20.37
CA PRO C 52 7.31 -26.02 19.66
C PRO C 52 8.20 -27.13 19.14
N THR C 53 8.99 -26.80 18.12
CA THR C 53 9.85 -27.77 17.46
C THR C 53 11.23 -27.17 17.24
N PHE C 54 12.17 -28.04 16.88
CA PHE C 54 13.57 -27.66 16.84
C PHE C 54 13.92 -26.90 15.57
N LEU C 55 14.97 -26.10 15.65
CA LEU C 55 15.54 -25.44 14.48
C LEU C 55 16.65 -26.30 13.88
N HIS C 56 17.38 -25.70 12.94
CA HIS C 56 18.40 -26.41 12.18
C HIS C 56 19.63 -25.53 12.06
N PHE C 57 20.79 -26.06 12.42
CA PHE C 57 22.02 -25.30 12.36
C PHE C 57 23.11 -26.11 11.67
N ASP C 58 24.28 -25.49 11.55
CA ASP C 58 25.42 -26.12 10.91
C ASP C 58 25.82 -27.37 11.65
N GLY C 59 26.30 -28.36 10.91
CA GLY C 59 26.43 -29.70 11.43
C GLY C 59 25.12 -30.43 11.55
N ASP C 60 24.02 -29.79 11.16
CA ASP C 60 22.69 -30.41 11.17
C ASP C 60 22.29 -30.82 12.58
N VAL C 61 22.47 -29.91 13.53
CA VAL C 61 22.11 -30.16 14.92
C VAL C 61 21.17 -29.04 15.37
N PRO C 62 20.17 -29.34 16.19
CA PRO C 62 19.25 -28.29 16.59
C PRO C 62 19.74 -27.56 17.82
N TYR C 63 20.99 -27.15 17.84
CA TYR C 63 21.51 -26.39 18.96
C TYR C 63 22.77 -25.67 18.51
N VAL C 64 23.15 -24.67 19.29
CA VAL C 64 24.38 -23.95 19.02
C VAL C 64 25.22 -23.91 20.28
N THR C 65 26.49 -24.24 20.11
CA THR C 65 27.43 -24.40 21.20
C THR C 65 28.16 -23.09 21.47
N THR C 66 28.43 -22.84 22.75
CA THR C 66 29.17 -21.66 23.14
C THR C 66 30.56 -21.67 22.51
N LYS C 67 31.07 -20.48 22.22
CA LYS C 67 32.34 -20.34 21.54
C LYS C 67 33.21 -19.31 22.27
N THR C 68 34.50 -19.60 22.33
CA THR C 68 35.47 -18.70 22.95
C THR C 68 36.37 -18.18 21.84
N ASP C 69 36.20 -16.91 21.52
CA ASP C 69 37.02 -16.19 20.53
C ASP C 69 36.48 -14.77 20.45
N SER C 70 37.14 -13.97 19.63
CA SER C 70 36.69 -12.60 19.43
C SER C 70 35.33 -12.53 18.77
N ASP C 71 34.79 -13.66 18.31
CA ASP C 71 33.55 -13.67 17.56
C ASP C 71 32.40 -14.07 18.47
N ARG C 72 31.55 -13.11 18.82
CA ARG C 72 30.45 -13.37 19.73
C ARG C 72 29.13 -13.63 19.01
N VAL C 73 29.12 -13.69 17.68
CA VAL C 73 27.88 -13.97 16.98
C VAL C 73 27.62 -15.46 17.06
N LEU C 74 26.56 -15.81 17.76
CA LEU C 74 26.31 -17.23 18.00
C LEU C 74 25.59 -17.86 16.83
N ALA C 75 24.50 -17.24 16.37
CA ALA C 75 23.80 -17.67 15.16
C ALA C 75 23.05 -16.46 14.61
N GLN C 76 22.93 -16.42 13.28
CA GLN C 76 22.30 -15.30 12.61
C GLN C 76 21.56 -15.80 11.39
N PHE C 77 20.30 -15.40 11.20
CA PHE C 77 19.57 -15.89 10.06
C PHE C 77 18.42 -14.96 9.70
N ASP C 78 17.97 -15.09 8.46
CA ASP C 78 16.84 -14.32 7.96
C ASP C 78 15.60 -14.59 8.80
N LEU C 79 14.73 -13.59 8.89
CA LEU C 79 13.40 -13.87 9.41
C LEU C 79 12.53 -14.12 8.19
N SER C 80 12.22 -15.39 7.98
CA SER C 80 11.30 -15.81 6.93
C SER C 80 10.88 -17.22 7.28
N LEU C 81 9.76 -17.67 6.73
CA LEU C 81 9.38 -19.05 6.97
C LEU C 81 9.95 -19.98 5.93
N ALA C 82 10.67 -19.44 4.94
CA ALA C 82 11.38 -20.23 3.96
C ALA C 82 12.85 -20.41 4.29
N ALA C 83 13.30 -19.93 5.44
CA ALA C 83 14.71 -20.03 5.78
C ALA C 83 15.13 -21.48 5.92
N LYS C 84 16.43 -21.73 5.78
CA LYS C 84 16.94 -23.07 5.98
C LYS C 84 16.85 -23.49 7.43
N HIS C 85 17.11 -22.55 8.36
CA HIS C 85 17.05 -22.87 9.78
C HIS C 85 15.66 -23.31 10.19
N MET C 86 14.64 -22.55 9.81
CA MET C 86 13.27 -22.87 10.15
C MET C 86 12.77 -24.13 9.46
N SER C 87 13.48 -24.63 8.43
CA SER C 87 12.91 -25.59 7.52
C SER C 87 12.35 -26.84 8.20
N ASN C 88 12.98 -27.30 9.28
CA ASN C 88 12.54 -28.50 9.96
C ASN C 88 11.38 -28.27 10.92
N THR C 89 11.08 -27.03 11.28
CA THR C 89 10.04 -26.80 12.27
C THR C 89 8.68 -27.21 11.73
N PHE C 90 7.75 -27.45 12.64
CA PHE C 90 6.36 -27.64 12.25
C PHE C 90 5.76 -26.34 11.74
N LEU C 91 6.12 -25.23 12.39
CA LEU C 91 5.58 -23.93 12.00
C LEU C 91 5.91 -23.63 10.56
N ALA C 92 7.18 -23.75 10.17
CA ALA C 92 7.52 -23.59 8.77
C ALA C 92 7.02 -24.77 7.95
N GLY C 93 6.44 -25.78 8.60
CA GLY C 93 5.82 -26.85 7.86
C GLY C 93 4.49 -26.42 7.24
N LEU C 94 3.65 -25.75 8.01
CA LEU C 94 2.38 -25.27 7.47
C LEU C 94 2.59 -24.16 6.46
N ALA C 95 3.60 -23.33 6.67
CA ALA C 95 3.79 -22.14 5.84
C ALA C 95 3.74 -22.48 4.36
N GLN C 96 4.37 -23.57 3.96
CA GLN C 96 4.51 -23.86 2.54
C GLN C 96 3.18 -24.03 1.84
N TYR C 97 2.10 -24.23 2.58
CA TYR C 97 0.76 -24.38 2.02
C TYR C 97 -0.05 -23.10 2.05
N TYR C 98 0.53 -22.01 2.56
CA TYR C 98 -0.15 -20.73 2.59
C TYR C 98 0.77 -19.67 2.01
N THR C 99 0.17 -18.67 1.36
CA THR C 99 0.96 -17.62 0.75
C THR C 99 1.43 -16.56 1.72
N GLN C 100 0.59 -16.17 2.69
CA GLN C 100 0.84 -14.97 3.47
C GLN C 100 0.63 -15.27 4.94
N TYR C 101 1.24 -14.45 5.79
CA TYR C 101 1.12 -14.62 7.23
C TYR C 101 1.20 -13.25 7.87
N SER C 102 0.85 -13.20 9.15
CA SER C 102 1.16 -12.04 9.98
C SER C 102 1.18 -12.50 11.43
N GLY C 103 1.77 -11.67 12.27
CA GLY C 103 1.80 -11.95 13.69
C GLY C 103 3.16 -12.37 14.18
N THR C 104 3.19 -12.71 15.46
CA THR C 104 4.43 -12.94 16.18
C THR C 104 4.89 -14.38 16.05
N VAL C 105 6.19 -14.59 15.97
CA VAL C 105 6.80 -15.91 15.97
C VAL C 105 7.70 -16.01 17.19
N ASN C 106 7.41 -16.96 18.06
CA ASN C 106 8.12 -17.12 19.33
C ASN C 106 9.30 -18.05 19.17
N LEU C 107 10.40 -17.72 19.84
CA LEU C 107 11.58 -18.57 19.91
C LEU C 107 11.84 -18.97 21.36
N HIS C 108 12.16 -20.24 21.55
CA HIS C 108 12.42 -20.79 22.87
C HIS C 108 13.87 -21.23 22.94
N PHE C 109 14.54 -20.85 24.02
CA PHE C 109 15.95 -21.19 24.22
C PHE C 109 16.05 -21.99 25.52
N MET C 110 16.82 -23.07 25.50
CA MET C 110 17.02 -23.87 26.69
C MET C 110 18.50 -24.20 26.83
N PHE C 111 19.10 -23.80 27.93
CA PHE C 111 20.53 -24.01 28.13
C PHE C 111 20.77 -25.39 28.71
N THR C 112 21.60 -26.17 28.02
CA THR C 112 21.78 -27.56 28.36
C THR C 112 22.99 -27.82 29.25
N GLY C 113 23.85 -26.84 29.47
CA GLY C 113 25.12 -27.06 30.10
C GLY C 113 25.06 -27.51 31.54
N PRO C 114 26.20 -27.90 32.09
CA PRO C 114 26.24 -28.41 33.46
C PRO C 114 26.03 -27.29 34.46
N THR C 115 25.77 -27.69 35.71
CA THR C 115 25.38 -26.73 36.72
C THR C 115 26.50 -25.78 37.09
N ASP C 116 27.74 -26.10 36.74
CA ASP C 116 28.88 -25.26 37.09
C ASP C 116 29.26 -24.27 36.00
N ALA C 117 28.50 -24.24 34.90
CA ALA C 117 28.78 -23.35 33.78
C ALA C 117 27.67 -22.32 33.68
N LYS C 118 28.05 -21.07 33.44
CA LYS C 118 27.10 -19.98 33.36
C LYS C 118 27.40 -19.12 32.14
N ALA C 119 26.35 -18.71 31.44
CA ALA C 119 26.51 -17.90 30.26
C ALA C 119 25.39 -16.87 30.23
N ARG C 120 25.58 -15.85 29.40
CA ARG C 120 24.64 -14.76 29.28
C ARG C 120 24.48 -14.43 27.81
N TYR C 121 23.25 -14.35 27.33
CA TYR C 121 22.98 -14.29 25.90
C TYR C 121 22.18 -13.04 25.55
N MET C 122 22.16 -12.75 24.26
CA MET C 122 21.40 -11.63 23.70
C MET C 122 20.74 -12.08 22.41
N ILE C 123 19.44 -11.90 22.32
CA ILE C 123 18.71 -12.07 21.07
C ILE C 123 18.25 -10.70 20.62
N ALA C 124 18.25 -10.46 19.32
CA ALA C 124 17.94 -9.13 18.80
C ALA C 124 17.30 -9.24 17.42
N TYR C 125 16.49 -8.25 17.09
CA TYR C 125 15.79 -8.20 15.83
C TYR C 125 16.35 -7.05 14.99
N ALA C 126 16.85 -7.38 13.81
CA ALA C 126 17.40 -6.38 12.91
C ALA C 126 16.41 -6.14 11.78
N PRO C 127 15.74 -4.99 11.74
CA PRO C 127 14.75 -4.74 10.71
C PRO C 127 15.41 -4.55 9.36
N PRO C 128 14.66 -4.64 8.27
CA PRO C 128 15.26 -4.59 6.95
C PRO C 128 15.72 -3.18 6.61
N GLY C 129 16.58 -3.10 5.59
CA GLY C 129 17.06 -1.85 5.08
C GLY C 129 18.50 -1.54 5.43
N MET C 130 19.09 -2.29 6.35
CA MET C 130 20.48 -2.09 6.72
C MET C 130 21.08 -3.45 7.04
N GLU C 131 22.38 -3.58 6.84
CA GLU C 131 23.04 -4.83 7.15
C GLU C 131 22.84 -5.17 8.63
N PRO C 132 22.66 -6.44 8.96
CA PRO C 132 22.41 -6.80 10.35
C PRO C 132 23.68 -6.66 11.16
N PRO C 133 23.57 -6.55 12.49
CA PRO C 133 24.72 -6.23 13.31
C PRO C 133 25.67 -7.40 13.47
N LYS C 134 26.97 -7.12 13.43
CA LYS C 134 27.97 -8.15 13.64
C LYS C 134 28.53 -8.19 15.05
N THR C 135 28.13 -7.28 15.93
CA THR C 135 28.63 -7.26 17.29
C THR C 135 27.49 -6.91 18.24
N PRO C 136 27.50 -7.47 19.44
CA PRO C 136 26.43 -7.14 20.40
C PRO C 136 26.32 -5.66 20.69
N GLU C 137 27.46 -4.95 20.73
CA GLU C 137 27.40 -3.51 20.95
C GLU C 137 26.68 -2.81 19.82
N ALA C 138 26.84 -3.31 18.59
CA ALA C 138 26.09 -2.74 17.48
C ALA C 138 24.62 -3.09 17.56
N ALA C 139 24.32 -4.31 18.00
CA ALA C 139 22.93 -4.74 18.08
C ALA C 139 22.19 -4.12 19.24
N ALA C 140 22.90 -3.61 20.25
CA ALA C 140 22.24 -3.13 21.46
C ALA C 140 21.26 -2.01 21.17
N HIS C 141 21.34 -1.41 19.99
CA HIS C 141 20.42 -0.34 19.62
C HIS C 141 19.12 -0.88 19.02
N CYS C 142 19.10 -2.13 18.59
CA CYS C 142 17.88 -2.71 18.06
C CYS C 142 16.94 -3.09 19.18
N ILE C 143 15.84 -3.74 18.81
CA ILE C 143 15.01 -4.41 19.79
C ILE C 143 15.71 -5.68 20.21
N HIS C 144 15.88 -5.89 21.51
CA HIS C 144 16.63 -7.05 21.95
C HIS C 144 16.20 -7.44 23.34
N ALA C 145 16.57 -8.65 23.72
CA ALA C 145 16.42 -9.11 25.10
C ALA C 145 17.74 -9.72 25.53
N GLU C 146 17.89 -9.89 26.84
CA GLU C 146 19.11 -10.44 27.40
C GLU C 146 18.77 -11.26 28.63
N TRP C 147 19.37 -12.45 28.72
CA TRP C 147 19.07 -13.36 29.82
C TRP C 147 20.32 -14.16 30.12
N ASP C 148 20.34 -14.79 31.28
CA ASP C 148 21.45 -15.66 31.63
C ASP C 148 20.95 -16.94 32.28
N THR C 149 21.89 -17.84 32.51
CA THR C 149 21.56 -19.17 33.01
C THR C 149 21.33 -19.15 34.51
N GLY C 150 20.58 -20.14 34.97
CA GLY C 150 20.20 -20.18 36.37
C GLY C 150 19.26 -21.34 36.64
N LEU C 151 18.48 -21.18 37.71
CA LEU C 151 17.52 -22.22 38.07
C LEU C 151 16.61 -22.56 36.90
N ASN C 152 15.96 -21.57 36.31
CA ASN C 152 15.16 -21.79 35.10
C ASN C 152 16.10 -21.99 33.92
N SER C 153 15.85 -23.03 33.15
CA SER C 153 16.70 -23.34 32.01
C SER C 153 16.20 -22.75 30.70
N LYS C 154 15.00 -22.20 30.66
CA LYS C 154 14.37 -21.86 29.39
C LYS C 154 13.98 -20.39 29.34
N PHE C 155 14.19 -19.78 28.18
CA PHE C 155 13.80 -18.40 27.91
C PHE C 155 12.97 -18.38 26.65
N THR C 156 12.01 -17.46 26.59
CA THR C 156 11.10 -17.36 25.47
C THR C 156 11.03 -15.92 24.98
N PHE C 157 11.22 -15.73 23.69
CA PHE C 157 11.32 -14.39 23.12
C PHE C 157 10.41 -14.26 21.93
N SER C 158 9.60 -13.21 21.92
CA SER C 158 8.61 -12.99 20.87
C SER C 158 9.18 -12.06 19.82
N ILE C 159 9.28 -12.54 18.58
CA ILE C 159 9.79 -11.74 17.49
C ILE C 159 8.65 -10.96 16.86
N PRO C 160 8.66 -9.64 16.90
CA PRO C 160 7.48 -8.88 16.50
C PRO C 160 7.23 -9.01 15.02
N TYR C 161 5.96 -8.82 14.64
CA TYR C 161 5.62 -8.67 13.24
C TYR C 161 5.64 -7.18 12.94
N LEU C 162 6.63 -6.76 12.17
CA LEU C 162 6.81 -5.35 11.89
C LEU C 162 7.06 -5.21 10.41
N SER C 163 6.13 -4.60 9.69
CA SER C 163 6.23 -4.50 8.25
C SER C 163 5.35 -3.37 7.76
N ALA C 164 5.62 -2.93 6.53
CA ALA C 164 4.79 -1.88 5.94
C ALA C 164 3.40 -2.40 5.63
N ALA C 165 3.31 -3.48 4.88
CA ALA C 165 2.03 -4.08 4.51
C ALA C 165 1.53 -5.00 5.61
N ASP C 166 0.21 -5.05 5.75
CA ASP C 166 -0.38 -5.78 6.87
C ASP C 166 -0.08 -7.27 6.83
N TYR C 167 0.34 -7.80 5.69
CA TYR C 167 0.70 -9.21 5.56
C TYR C 167 2.02 -9.32 4.82
N ALA C 168 2.65 -10.48 4.96
CA ALA C 168 3.93 -10.72 4.32
C ALA C 168 3.95 -12.11 3.70
N TYR C 169 4.62 -12.22 2.56
CA TYR C 169 4.65 -13.48 1.84
C TYR C 169 5.43 -14.52 2.64
N THR C 170 4.94 -15.75 2.63
CA THR C 170 5.69 -16.84 3.22
C THR C 170 6.91 -17.18 2.38
N ALA C 171 6.71 -17.41 1.08
CA ALA C 171 7.78 -17.81 0.19
C ALA C 171 8.78 -16.67 0.01
N SER C 172 9.97 -17.03 -0.46
CA SER C 172 11.03 -16.07 -0.72
C SER C 172 11.25 -15.98 -2.22
N ASP C 173 10.92 -14.83 -2.80
CA ASP C 173 11.00 -14.64 -4.23
C ASP C 173 12.45 -14.65 -4.70
N ALA C 174 12.67 -15.28 -5.85
CA ALA C 174 14.02 -15.42 -6.38
C ALA C 174 14.67 -14.08 -6.71
N ALA C 175 13.87 -13.06 -7.02
CA ALA C 175 14.38 -11.73 -7.34
C ALA C 175 14.65 -10.91 -6.09
N GLU C 176 14.46 -11.49 -4.91
CA GLU C 176 14.74 -10.82 -3.65
C GLU C 176 16.17 -11.15 -3.25
N THR C 177 17.03 -10.13 -3.29
CA THR C 177 18.42 -10.34 -2.90
C THR C 177 18.57 -10.34 -1.39
N THR C 178 17.97 -9.36 -0.74
CA THR C 178 18.05 -9.18 0.71
C THR C 178 16.68 -9.42 1.31
N ASN C 179 16.65 -10.12 2.44
CA ASN C 179 15.38 -10.46 3.08
C ASN C 179 14.53 -9.21 3.30
N VAL C 180 13.22 -9.36 3.06
CA VAL C 180 12.32 -8.22 3.26
C VAL C 180 11.98 -8.05 4.72
N GLN C 181 11.90 -9.13 5.49
CA GLN C 181 11.50 -9.05 6.89
C GLN C 181 12.66 -8.84 7.83
N GLY C 182 13.87 -8.67 7.34
CA GLY C 182 15.00 -8.45 8.20
C GLY C 182 15.48 -9.75 8.83
N TRP C 183 16.37 -9.59 9.79
CA TRP C 183 17.08 -10.70 10.39
C TRP C 183 16.82 -10.75 11.88
N VAL C 184 17.11 -11.90 12.48
CA VAL C 184 17.23 -12.00 13.92
C VAL C 184 18.62 -12.52 14.21
N CYS C 185 19.22 -12.03 15.28
CA CYS C 185 20.61 -12.31 15.58
C CYS C 185 20.71 -12.80 17.02
N LEU C 186 21.51 -13.83 17.23
CA LEU C 186 21.70 -14.40 18.56
C LEU C 186 23.17 -14.31 18.93
N PHE C 187 23.46 -13.67 20.05
CA PHE C 187 24.81 -13.38 20.48
C PHE C 187 25.11 -14.05 21.80
N GLN C 188 26.40 -14.24 22.07
CA GLN C 188 26.86 -14.72 23.36
C GLN C 188 27.63 -13.61 24.03
N ILE C 189 27.05 -13.02 25.07
CA ILE C 189 27.74 -11.93 25.77
C ILE C 189 29.00 -12.44 26.43
N THR C 190 28.88 -13.41 27.33
CA THR C 190 30.05 -14.05 27.91
C THR C 190 29.61 -15.38 28.49
N HIS C 191 30.59 -16.17 28.93
CA HIS C 191 30.31 -17.48 29.48
C HIS C 191 31.30 -17.80 30.58
N GLY C 192 30.79 -18.17 31.75
CA GLY C 192 31.66 -18.85 32.69
C GLY C 192 31.87 -20.31 32.34
N LYS C 193 33.12 -20.71 32.09
CA LYS C 193 33.51 -22.12 32.00
C LYS C 193 32.53 -22.93 31.14
N ALA C 194 31.95 -22.30 30.13
CA ALA C 194 30.88 -22.90 29.36
C ALA C 194 31.36 -23.55 28.08
N GLU C 195 32.67 -23.62 27.86
CA GLU C 195 33.19 -24.14 26.60
C GLU C 195 32.63 -25.52 26.30
N GLY C 196 32.12 -25.69 25.08
CA GLY C 196 31.57 -26.95 24.65
C GLY C 196 30.20 -27.26 25.18
N ASP C 197 29.44 -26.27 25.62
CA ASP C 197 28.12 -26.52 26.19
C ASP C 197 27.04 -26.02 25.24
N ALA C 198 25.93 -26.75 25.19
CA ALA C 198 24.98 -26.62 24.11
C ALA C 198 23.76 -25.81 24.52
N LEU C 199 23.24 -25.03 23.59
CA LEU C 199 22.00 -24.29 23.75
C LEU C 199 21.03 -24.73 22.67
N VAL C 200 19.98 -25.43 23.05
CA VAL C 200 18.97 -25.89 22.09
C VAL C 200 17.92 -24.81 21.94
N VAL C 201 17.40 -24.64 20.73
CA VAL C 201 16.46 -23.57 20.43
C VAL C 201 15.22 -24.19 19.79
N LEU C 202 14.08 -23.55 20.01
CA LEU C 202 12.79 -24.04 19.56
C LEU C 202 12.00 -22.87 19.00
N ALA C 203 10.98 -23.17 18.20
CA ALA C 203 10.18 -22.12 17.61
C ALA C 203 8.73 -22.57 17.52
N SER C 204 7.82 -21.64 17.80
CA SER C 204 6.40 -21.93 17.75
C SER C 204 5.65 -20.64 17.53
N ALA C 205 4.40 -20.76 17.09
CA ALA C 205 3.58 -19.59 16.80
C ALA C 205 3.31 -18.81 18.08
N GLY C 206 3.02 -17.52 17.92
CA GLY C 206 2.67 -16.69 19.04
C GLY C 206 1.18 -16.63 19.24
N LYS C 207 0.75 -15.68 20.07
CA LYS C 207 -0.69 -15.50 20.28
C LYS C 207 -1.37 -15.00 19.02
N ASP C 208 -0.81 -13.97 18.39
CA ASP C 208 -1.47 -13.27 17.30
C ASP C 208 -1.08 -13.80 15.93
N PHE C 209 -0.27 -14.85 15.87
CA PHE C 209 0.19 -15.35 14.59
C PHE C 209 -0.99 -15.81 13.74
N GLU C 210 -1.05 -15.32 12.51
CA GLU C 210 -2.18 -15.55 11.63
C GLU C 210 -1.65 -15.91 10.26
N LEU C 211 -2.32 -16.84 9.59
CA LEU C 211 -1.84 -17.43 8.36
C LEU C 211 -3.02 -17.65 7.43
N ARG C 212 -2.90 -17.23 6.17
CA ARG C 212 -4.08 -17.16 5.32
C ARG C 212 -3.73 -17.54 3.90
N LEU C 213 -4.76 -17.53 3.04
CA LEU C 213 -4.64 -17.81 1.61
C LEU C 213 -3.95 -19.14 1.31
N PRO C 214 -4.64 -20.26 1.48
CA PRO C 214 -4.02 -21.54 1.16
C PRO C 214 -3.69 -21.66 -0.31
N VAL C 215 -2.58 -22.34 -0.59
CA VAL C 215 -2.12 -22.59 -1.95
C VAL C 215 -1.36 -23.90 -1.95
N ASP C 216 -1.41 -24.63 -3.05
CA ASP C 216 -0.64 -25.85 -3.21
C ASP C 216 0.55 -25.53 -4.09
N ALA C 217 1.74 -25.47 -3.48
CA ALA C 217 2.96 -25.05 -4.12
C ALA C 217 3.80 -26.22 -4.62
N ARG C 218 3.26 -27.44 -4.61
CA ARG C 218 4.03 -28.68 -4.65
C ARG C 218 4.82 -28.79 -3.34
N GLN C 219 6.13 -28.93 -3.41
CA GLN C 219 6.95 -29.06 -2.20
C GLN C 219 6.57 -30.28 -1.36
N SER D 15 -24.92 -1.82 -4.86
CA SER D 15 -24.05 -0.66 -4.93
C SER D 15 -23.55 -0.44 -6.35
N GLY D 16 -23.01 -1.50 -6.93
CA GLY D 16 -22.50 -1.45 -8.28
C GLY D 16 -23.62 -1.72 -9.26
N ASN D 17 -23.32 -2.36 -10.39
CA ASN D 17 -24.35 -2.75 -11.31
C ASN D 17 -24.78 -4.18 -10.99
N THR D 18 -25.96 -4.29 -10.38
CA THR D 18 -26.51 -5.57 -9.96
C THR D 18 -28.02 -5.53 -10.09
N GLY D 19 -28.60 -6.53 -10.76
CA GLY D 19 -30.01 -6.52 -11.07
C GLY D 19 -30.87 -7.53 -10.34
N SER D 20 -30.30 -8.24 -9.38
CA SER D 20 -31.03 -9.29 -8.70
C SER D 20 -31.92 -8.72 -7.61
N ILE D 21 -33.22 -8.99 -7.71
CA ILE D 21 -34.12 -8.60 -6.63
C ILE D 21 -34.25 -9.70 -5.59
N ILE D 22 -33.54 -10.80 -5.76
CA ILE D 22 -33.59 -11.91 -4.81
C ILE D 22 -32.21 -12.09 -4.21
N ASN D 23 -32.17 -12.70 -3.03
CA ASN D 23 -30.92 -12.80 -2.30
C ASN D 23 -29.92 -13.67 -3.04
N ASN D 24 -28.64 -13.30 -2.96
CA ASN D 24 -27.59 -14.08 -3.62
C ASN D 24 -27.54 -15.49 -3.05
N TYR D 25 -27.35 -16.46 -3.93
CA TYR D 25 -27.41 -17.86 -3.50
C TYR D 25 -26.27 -18.22 -2.57
N TYR D 26 -25.14 -17.54 -2.68
CA TYR D 26 -23.98 -17.87 -1.88
C TYR D 26 -23.82 -16.86 -0.75
N MET D 27 -23.26 -17.32 0.36
CA MET D 27 -23.05 -16.44 1.51
C MET D 27 -22.26 -15.21 1.10
N GLN D 28 -22.55 -14.10 1.78
CA GLN D 28 -21.78 -12.87 1.58
C GLN D 28 -20.30 -13.11 1.81
N GLN D 29 -19.96 -14.12 2.59
CA GLN D 29 -18.58 -14.38 2.95
C GLN D 29 -17.78 -14.98 1.79
N TYR D 30 -18.44 -15.67 0.88
CA TYR D 30 -17.84 -16.27 -0.31
C TYR D 30 -17.88 -15.36 -1.52
N GLN D 31 -19.07 -14.96 -1.96
CA GLN D 31 -19.22 -14.14 -3.15
C GLN D 31 -18.25 -12.96 -3.16
N ASN D 32 -18.00 -12.37 -1.99
CA ASN D 32 -17.12 -11.22 -1.87
C ASN D 32 -16.06 -11.49 -0.82
N SER D 33 -15.04 -10.63 -0.82
CA SER D 33 -14.09 -10.59 0.27
C SER D 33 -14.64 -9.74 1.41
N MET D 34 -14.47 -10.22 2.63
CA MET D 34 -14.99 -9.57 3.82
C MET D 34 -14.08 -8.43 4.23
N ASP D 35 -14.64 -7.24 4.38
CA ASP D 35 -13.90 -6.10 4.88
C ASP D 35 -13.67 -6.20 6.37
N THR D 36 -12.68 -5.45 6.85
CA THR D 36 -12.41 -5.31 8.27
C THR D 36 -12.33 -3.83 8.63
N GLN D 37 -12.35 -3.56 9.92
CA GLN D 37 -12.34 -2.21 10.43
C GLN D 37 -11.17 -2.01 11.38
N LEU D 38 -10.85 -0.76 11.65
CA LEU D 38 -9.71 -0.41 12.48
C LEU D 38 -10.09 0.72 13.42
N GLY D 39 -9.52 0.69 14.62
CA GLY D 39 -9.74 1.76 15.59
C GLY D 39 -11.06 1.65 16.31
N ASN D 65 -19.54 11.18 -1.10
CA ASN D 65 -18.35 10.58 -1.69
C ASN D 65 -17.19 10.83 -0.76
N ASP D 66 -17.46 10.84 0.54
CA ASP D 66 -16.45 11.13 1.54
C ASP D 66 -15.84 12.47 1.20
N TRP D 67 -14.55 12.52 0.84
CA TRP D 67 -13.88 13.82 0.72
C TRP D 67 -14.48 14.68 -0.39
N PHE D 68 -14.41 14.22 -1.64
CA PHE D 68 -14.69 15.14 -2.75
C PHE D 68 -16.14 15.60 -2.81
N SER D 69 -17.10 14.77 -2.43
CA SER D 69 -18.46 15.28 -2.35
C SER D 69 -18.59 16.30 -1.23
N LYS D 70 -17.94 16.07 -0.09
CA LYS D 70 -17.95 17.08 0.96
C LYS D 70 -17.18 18.32 0.52
N LEU D 71 -16.30 18.18 -0.47
CA LEU D 71 -15.64 19.35 -1.03
C LEU D 71 -16.56 20.10 -1.98
N ALA D 72 -17.21 19.36 -2.88
CA ALA D 72 -18.03 20.01 -3.90
C ALA D 72 -19.29 20.61 -3.29
N SER D 73 -19.71 20.11 -2.15
CA SER D 73 -20.92 20.66 -1.52
C SER D 73 -20.67 22.01 -0.89
N SER D 74 -19.40 22.37 -0.66
CA SER D 74 -19.08 23.64 -0.05
C SER D 74 -18.86 24.75 -1.06
N ALA D 75 -19.10 24.49 -2.34
CA ALA D 75 -18.89 25.50 -3.36
C ALA D 75 -19.72 26.75 -3.06
N PHE D 76 -19.12 27.91 -3.30
CA PHE D 76 -19.78 29.17 -3.01
C PHE D 76 -20.58 29.65 -4.22
N SER D 77 -21.89 29.69 -4.07
CA SER D 77 -22.81 30.02 -5.15
C SER D 77 -23.20 31.49 -5.10
N GLY D 78 -22.74 32.20 -4.08
CA GLY D 78 -23.24 33.54 -3.86
C GLY D 78 -22.61 34.61 -4.71
N LEU D 79 -23.02 35.86 -4.49
CA LEU D 79 -22.38 37.03 -5.06
C LEU D 79 -21.50 37.65 -3.99
N PHE D 80 -20.27 38.00 -4.37
CA PHE D 80 -19.36 38.56 -3.39
C PHE D 80 -19.63 40.03 -3.10
N GLY D 81 -20.14 40.77 -4.08
CA GLY D 81 -20.45 42.17 -3.86
C GLY D 81 -21.93 42.46 -3.71
N ALA D 82 -22.27 43.70 -3.42
CA ALA D 82 -23.66 44.11 -3.28
C ALA D 82 -24.40 43.92 -4.60
N LEU D 83 -25.67 43.53 -4.49
CA LEU D 83 -26.53 43.31 -5.65
C LEU D 83 -27.31 44.58 -5.93
N LEU D 84 -27.54 44.85 -7.21
CA LEU D 84 -28.34 45.98 -7.63
C LEU D 84 -29.37 45.49 -8.65
N ALA D 85 -30.63 45.83 -8.42
CA ALA D 85 -31.73 45.43 -9.30
C ALA D 85 -31.90 43.92 -9.39
#